data_4DBW
#
_entry.id   4DBW
#
_cell.length_a   47.346
_cell.length_b   49.089
_cell.length_c   83.445
_cell.angle_alpha   74.300
_cell.angle_beta   87.040
_cell.angle_gamma   69.950
#
_symmetry.space_group_name_H-M   'P 1'
#
loop_
_entity.id
_entity.type
_entity.pdbx_description
1 polymer 'Aldo-keto reductase family 1 member C3'
2 non-polymer 'NADP NICOTINAMIDE-ADENINE-DINUCLEOTIDE PHOSPHATE'
3 non-polymer '[1-(4-chlorobenzoyl)-5-methoxy-1H-indol-3-yl]acetic acid'
4 water water
#
_entity_poly.entity_id   1
_entity_poly.type   'polypeptide(L)'
_entity_poly.pdbx_seq_one_letter_code
;MDSKQQCVKLNDGHFMPVLGFGTYAPPEVPRSKALEVTKLAIEAGFRHIDSAHLYNNEEQVGLAIRSKIADGSVKREDIF
YTSKLWSTFHRPELVRPALENSLKKAQLDYVDLYLIHSPMSLKPGEELSPTDENGKVIFDIVDLCTTWEAMEKCKDAGLA
KSIGVSNFNRRQLEMILNKPGLKYKPVCNQVECHPYFNRSKLLDFCKSKDIVLVAYSALGSQRDKRWVDPNSPVLLEDPV
LCALAKKHKRTPALIALRYQLQRGVVVLAKSYNEQRIRQNVQVFEFQLTAEDMKAIDGLDRNLHYFNSDSFASHPNYPYS
DEY
;
_entity_poly.pdbx_strand_id   A,B
#
loop_
_chem_comp.id
_chem_comp.type
_chem_comp.name
_chem_comp.formula
511 non-polymer '[1-(4-chlorobenzoyl)-5-methoxy-1H-indol-3-yl]acetic acid' 'C18 H14 Cl N O4'
NAP non-polymer 'NADP NICOTINAMIDE-ADENINE-DINUCLEOTIDE PHOSPHATE' 'C21 H28 N7 O17 P3'
#
# COMPACT_ATOMS: atom_id res chain seq x y z
N GLN A 6 -24.25 -17.90 -2.17
CA GLN A 6 -24.09 -17.81 -0.72
C GLN A 6 -24.27 -16.36 -0.26
N CYS A 7 -25.37 -15.74 -0.68
CA CYS A 7 -25.65 -14.35 -0.35
C CYS A 7 -27.04 -14.22 0.26
N VAL A 8 -27.25 -13.12 0.98
CA VAL A 8 -28.57 -12.81 1.48
C VAL A 8 -29.09 -11.59 0.73
N LYS A 9 -30.38 -11.58 0.40
CA LYS A 9 -30.99 -10.45 -0.29
C LYS A 9 -31.32 -9.34 0.70
N LEU A 10 -30.76 -8.16 0.48
CA LEU A 10 -31.02 -7.01 1.34
C LEU A 10 -32.34 -6.35 0.99
N ASN A 11 -32.86 -5.52 1.90
CA ASN A 11 -34.16 -4.90 1.68
C ASN A 11 -34.21 -3.82 0.60
N ASP A 12 -33.08 -3.57 -0.06
CA ASP A 12 -33.07 -2.66 -1.20
C ASP A 12 -32.84 -3.43 -2.51
N GLY A 13 -32.85 -4.76 -2.42
CA GLY A 13 -32.74 -5.58 -3.61
C GLY A 13 -31.35 -6.08 -3.95
N HIS A 14 -30.33 -5.49 -3.33
CA HIS A 14 -28.96 -5.93 -3.57
C HIS A 14 -28.63 -7.18 -2.75
N PHE A 15 -27.48 -7.81 -3.04
CA PHE A 15 -27.09 -9.05 -2.40
C PHE A 15 -25.77 -8.95 -1.66
N MET A 16 -25.76 -9.46 -0.43
CA MET A 16 -24.57 -9.45 0.41
C MET A 16 -24.09 -10.87 0.72
N PRO A 17 -22.83 -11.17 0.39
CA PRO A 17 -22.26 -12.49 0.73
C PRO A 17 -22.27 -12.68 2.24
N VAL A 18 -22.74 -13.84 2.70
CA VAL A 18 -22.92 -14.04 4.14
C VAL A 18 -21.63 -14.18 4.93
N LEU A 19 -20.51 -14.38 4.23
CA LEU A 19 -19.22 -14.42 4.88
C LEU A 19 -18.35 -13.26 4.40
N GLY A 20 -17.86 -12.44 5.33
CA GLY A 20 -17.07 -11.28 4.96
C GLY A 20 -15.69 -11.27 5.58
N PHE A 21 -14.76 -10.61 4.91
CA PHE A 21 -13.38 -10.52 5.39
C PHE A 21 -13.15 -9.24 6.17
N GLY A 22 -12.75 -9.38 7.43
CA GLY A 22 -12.44 -8.24 8.27
C GLY A 22 -11.04 -7.74 7.99
N THR A 23 -10.89 -6.43 7.84
CA THR A 23 -9.59 -5.88 7.42
C THR A 23 -8.86 -5.05 8.46
N TYR A 24 -9.49 -4.77 9.59
CA TYR A 24 -8.80 -3.95 10.57
C TYR A 24 -7.59 -4.65 11.20
N ALA A 25 -6.48 -3.93 11.23
CA ALA A 25 -5.30 -4.39 11.95
C ALA A 25 -4.68 -3.20 12.65
N PRO A 26 -4.15 -3.41 13.86
CA PRO A 26 -3.58 -2.31 14.63
C PRO A 26 -2.36 -1.69 13.94
N PRO A 27 -1.97 -0.48 14.37
CA PRO A 27 -0.93 0.30 13.69
C PRO A 27 0.42 -0.39 13.59
N GLU A 28 0.72 -1.30 14.52
CA GLU A 28 1.99 -2.01 14.52
CA GLU A 28 2.01 -1.98 14.50
C GLU A 28 2.12 -2.92 13.31
N VAL A 29 0.99 -3.20 12.66
CA VAL A 29 1.00 -4.02 11.46
C VAL A 29 1.23 -3.12 10.26
N PRO A 30 2.30 -3.41 9.50
CA PRO A 30 2.65 -2.60 8.33
C PRO A 30 1.48 -2.53 7.36
N ARG A 31 1.27 -1.37 6.76
CA ARG A 31 0.13 -1.15 5.86
C ARG A 31 0.19 -2.06 4.63
N SER A 32 1.37 -2.54 4.29
CA SER A 32 1.52 -3.40 3.12
C SER A 32 0.81 -4.74 3.35
N LYS A 33 0.71 -5.16 4.60
CA LYS A 33 0.05 -6.41 4.94
C LYS A 33 -1.40 -6.40 4.48
N ALA A 34 -2.09 -5.28 4.70
CA ALA A 34 -3.48 -5.16 4.27
C ALA A 34 -3.60 -5.56 2.81
N LEU A 35 -2.72 -5.00 1.98
CA LEU A 35 -2.70 -5.33 0.57
C LEU A 35 -2.52 -6.83 0.35
N GLU A 36 -1.48 -7.39 0.97
CA GLU A 36 -1.17 -8.80 0.85
C GLU A 36 -2.33 -9.71 1.24
N VAL A 37 -2.87 -9.49 2.43
CA VAL A 37 -3.86 -10.42 2.97
C VAL A 37 -5.21 -10.30 2.26
N THR A 38 -5.55 -9.10 1.80
CA THR A 38 -6.80 -8.93 1.06
C THR A 38 -6.73 -9.70 -0.25
N LYS A 39 -5.55 -9.71 -0.87
CA LYS A 39 -5.37 -10.52 -2.07
C LYS A 39 -5.55 -12.00 -1.73
N LEU A 40 -4.95 -12.45 -0.62
CA LEU A 40 -5.10 -13.83 -0.19
C LEU A 40 -6.55 -14.19 0.09
N ALA A 41 -7.30 -13.24 0.66
CA ALA A 41 -8.68 -13.51 1.02
C ALA A 41 -9.50 -13.71 -0.26
N ILE A 42 -9.33 -12.80 -1.22
CA ILE A 42 -9.99 -12.94 -2.51
C ILE A 42 -9.60 -14.27 -3.15
N GLU A 43 -8.32 -14.60 -3.06
CA GLU A 43 -7.83 -15.86 -3.63
C GLU A 43 -8.47 -17.06 -2.92
N ALA A 44 -8.68 -16.94 -1.62
CA ALA A 44 -9.27 -18.03 -0.85
C ALA A 44 -10.77 -18.17 -1.10
N GLY A 45 -11.40 -17.12 -1.64
CA GLY A 45 -12.81 -17.18 -1.94
C GLY A 45 -13.68 -16.10 -1.30
N PHE A 46 -13.07 -15.25 -0.48
CA PHE A 46 -13.80 -14.13 0.10
C PHE A 46 -14.21 -13.16 -0.99
N ARG A 47 -15.44 -12.66 -0.91
CA ARG A 47 -15.92 -11.68 -1.88
C ARG A 47 -16.45 -10.43 -1.17
N HIS A 48 -16.90 -10.61 0.06
CA HIS A 48 -17.38 -9.53 0.92
C HIS A 48 -16.18 -9.02 1.71
N ILE A 49 -15.85 -7.74 1.56
CA ILE A 49 -14.67 -7.18 2.20
C ILE A 49 -15.05 -5.95 3.03
N ASP A 50 -14.71 -5.98 4.31
CA ASP A 50 -15.14 -4.94 5.25
C ASP A 50 -14.01 -3.99 5.66
N SER A 51 -14.15 -2.72 5.27
CA SER A 51 -13.14 -1.72 5.60
C SER A 51 -13.81 -0.48 6.19
N ALA A 52 -13.06 0.61 6.31
CA ALA A 52 -13.58 1.83 6.92
C ALA A 52 -12.55 2.94 6.81
N HIS A 53 -13.01 4.18 6.81
CA HIS A 53 -12.08 5.31 6.81
C HIS A 53 -11.19 5.22 8.04
N LEU A 54 -11.78 4.77 9.14
CA LEU A 54 -11.08 4.65 10.41
C LEU A 54 -9.83 3.75 10.36
N TYR A 55 -9.84 2.77 9.45
CA TYR A 55 -8.85 1.70 9.51
C TYR A 55 -7.51 2.06 8.88
N ASN A 56 -7.41 3.23 8.27
CA ASN A 56 -6.19 3.62 7.57
C ASN A 56 -5.69 2.50 6.65
N ASN A 57 -6.59 1.95 5.84
CA ASN A 57 -6.21 0.88 4.93
C ASN A 57 -7.00 0.82 3.62
N GLU A 58 -7.91 1.76 3.42
CA GLU A 58 -8.74 1.72 2.21
C GLU A 58 -7.89 1.76 0.94
N GLU A 59 -6.79 2.51 0.97
CA GLU A 59 -5.89 2.54 -0.17
C GLU A 59 -5.34 1.15 -0.49
N GLN A 60 -4.90 0.43 0.55
CA GLN A 60 -4.33 -0.89 0.35
C GLN A 60 -5.37 -1.95 0.00
N VAL A 61 -6.55 -1.87 0.61
CA VAL A 61 -7.63 -2.80 0.30
C VAL A 61 -8.14 -2.56 -1.13
N GLY A 62 -8.24 -1.29 -1.50
CA GLY A 62 -8.69 -0.92 -2.83
C GLY A 62 -7.71 -1.42 -3.88
N LEU A 63 -6.42 -1.35 -3.53
CA LEU A 63 -5.38 -1.82 -4.44
C LEU A 63 -5.48 -3.32 -4.63
N ALA A 64 -5.73 -4.04 -3.55
CA ALA A 64 -5.83 -5.50 -3.62
C ALA A 64 -6.93 -5.89 -4.59
N ILE A 65 -8.06 -5.21 -4.48
CA ILE A 65 -9.21 -5.49 -5.34
C ILE A 65 -8.87 -5.18 -6.79
N ARG A 66 -8.30 -4.00 -6.99
CA ARG A 66 -7.84 -3.57 -8.31
C ARG A 66 -6.92 -4.62 -8.92
N SER A 67 -5.97 -5.08 -8.13
CA SER A 67 -5.01 -6.07 -8.57
C SER A 67 -5.68 -7.39 -8.94
N LYS A 68 -6.64 -7.85 -8.14
CA LYS A 68 -7.32 -9.11 -8.42
C LYS A 68 -8.29 -8.99 -9.60
N ILE A 69 -8.73 -7.78 -9.90
CA ILE A 69 -9.57 -7.57 -11.06
C ILE A 69 -8.70 -7.65 -12.31
N ALA A 70 -7.52 -7.05 -12.22
CA ALA A 70 -6.61 -6.95 -13.37
C ALA A 70 -6.05 -8.30 -13.80
N ASP A 71 -5.82 -9.20 -12.84
CA ASP A 71 -5.28 -10.51 -13.18
C ASP A 71 -6.38 -11.50 -13.56
N GLY A 72 -7.62 -11.00 -13.55
CA GLY A 72 -8.76 -11.78 -14.02
C GLY A 72 -9.41 -12.69 -13.00
N SER A 73 -8.93 -12.66 -11.76
CA SER A 73 -9.49 -13.52 -10.71
C SER A 73 -10.95 -13.17 -10.43
N VAL A 74 -11.27 -11.89 -10.43
CA VAL A 74 -12.63 -11.42 -10.17
C VAL A 74 -12.98 -10.20 -11.00
N LYS A 75 -14.28 -9.90 -11.07
CA LYS A 75 -14.75 -8.64 -11.65
C LYS A 75 -15.29 -7.77 -10.52
N ARG A 76 -15.32 -6.46 -10.72
CA ARG A 76 -15.82 -5.54 -9.69
C ARG A 76 -17.20 -5.95 -9.16
N GLU A 77 -18.05 -6.42 -10.06
CA GLU A 77 -19.41 -6.82 -9.68
CA GLU A 77 -19.41 -6.83 -9.70
C GLU A 77 -19.40 -8.05 -8.78
N ASP A 78 -18.28 -8.77 -8.76
CA ASP A 78 -18.15 -9.96 -7.92
C ASP A 78 -17.81 -9.59 -6.48
N ILE A 79 -17.25 -8.41 -6.30
CA ILE A 79 -16.79 -7.97 -4.98
C ILE A 79 -17.87 -7.16 -4.27
N PHE A 80 -18.05 -7.43 -2.97
CA PHE A 80 -18.93 -6.60 -2.14
C PHE A 80 -18.05 -5.82 -1.15
N TYR A 81 -17.86 -4.54 -1.41
CA TYR A 81 -16.94 -3.70 -0.64
C TYR A 81 -17.65 -2.75 0.32
N THR A 82 -17.31 -2.83 1.60
CA THR A 82 -17.93 -1.97 2.59
C THR A 82 -16.97 -0.92 3.12
N SER A 83 -17.41 0.33 3.15
CA SER A 83 -16.71 1.35 3.92
C SER A 83 -17.64 1.94 4.98
N LYS A 84 -17.09 2.78 5.84
CA LYS A 84 -17.86 3.33 6.94
C LYS A 84 -17.53 4.79 7.17
N LEU A 85 -18.58 5.57 7.45
CA LEU A 85 -18.46 6.97 7.79
C LEU A 85 -17.99 7.11 9.24
N TRP A 86 -16.83 7.72 9.44
CA TRP A 86 -16.33 7.90 10.79
C TRP A 86 -17.11 8.99 11.53
N SER A 87 -17.03 8.96 12.86
CA SER A 87 -17.92 9.71 13.73
C SER A 87 -17.67 11.22 13.77
N THR A 88 -16.54 11.64 13.20
CA THR A 88 -16.22 13.07 13.09
C THR A 88 -16.88 13.65 11.85
N PHE A 89 -17.58 12.79 11.11
CA PHE A 89 -18.20 13.21 9.85
C PHE A 89 -19.72 13.03 9.85
N HIS A 90 -20.34 13.02 11.02
CA HIS A 90 -21.79 12.87 11.14
C HIS A 90 -22.60 14.06 10.64
N ARG A 91 -22.04 15.27 10.73
CA ARG A 91 -22.76 16.43 10.25
C ARG A 91 -23.04 16.24 8.76
N PRO A 92 -24.31 16.44 8.37
CA PRO A 92 -24.83 16.05 7.06
C PRO A 92 -23.97 16.54 5.90
N GLU A 93 -23.45 17.76 6.00
CA GLU A 93 -22.71 18.35 4.88
C GLU A 93 -21.33 17.71 4.70
N LEU A 94 -20.94 16.89 5.67
CA LEU A 94 -19.64 16.24 5.65
C LEU A 94 -19.71 14.80 5.14
N VAL A 95 -20.92 14.28 4.95
CA VAL A 95 -21.10 12.87 4.64
C VAL A 95 -20.62 12.50 3.23
N ARG A 96 -21.13 13.19 2.21
CA ARG A 96 -20.73 12.86 0.85
C ARG A 96 -19.24 13.08 0.61
N PRO A 97 -18.67 14.19 1.10
CA PRO A 97 -17.23 14.37 0.92
C PRO A 97 -16.41 13.25 1.57
N ALA A 98 -16.87 12.75 2.71
CA ALA A 98 -16.19 11.64 3.37
C ALA A 98 -16.24 10.39 2.51
N LEU A 99 -17.42 10.10 1.96
CA LEU A 99 -17.55 8.95 1.07
C LEU A 99 -16.66 9.11 -0.15
N GLU A 100 -16.70 10.30 -0.75
CA GLU A 100 -15.89 10.56 -1.94
C GLU A 100 -14.41 10.37 -1.66
N ASN A 101 -13.98 10.77 -0.46
CA ASN A 101 -12.59 10.56 -0.07
C ASN A 101 -12.23 9.07 0.05
N SER A 102 -13.15 8.29 0.62
CA SER A 102 -12.92 6.84 0.72
C SER A 102 -12.82 6.23 -0.68
N LEU A 103 -13.71 6.67 -1.57
CA LEU A 103 -13.70 6.19 -2.95
C LEU A 103 -12.40 6.57 -3.67
N LYS A 104 -11.90 7.76 -3.40
CA LYS A 104 -10.66 8.22 -4.03
C LYS A 104 -9.47 7.38 -3.54
N LYS A 105 -9.40 7.18 -2.23
CA LYS A 105 -8.35 6.38 -1.62
C LYS A 105 -8.33 4.98 -2.20
N ALA A 106 -9.48 4.32 -2.22
CA ALA A 106 -9.58 2.94 -2.66
C ALA A 106 -9.56 2.82 -4.18
N GLN A 107 -9.57 3.95 -4.86
CA GLN A 107 -9.70 3.99 -6.32
C GLN A 107 -10.87 3.12 -6.76
N LEU A 108 -12.03 3.38 -6.16
CA LEU A 108 -13.26 2.71 -6.55
C LEU A 108 -14.29 3.74 -7.01
N ASP A 109 -15.20 3.32 -7.88
CA ASP A 109 -16.27 4.18 -8.35
C ASP A 109 -17.44 4.23 -7.37
N TYR A 110 -17.63 3.14 -6.64
CA TYR A 110 -18.70 3.04 -5.66
C TYR A 110 -18.32 2.04 -4.57
N VAL A 111 -18.96 2.15 -3.41
CA VAL A 111 -18.90 1.09 -2.41
C VAL A 111 -20.21 0.33 -2.47
N ASP A 112 -20.16 -0.96 -2.19
CA ASP A 112 -21.38 -1.73 -2.18
C ASP A 112 -22.22 -1.39 -0.97
N LEU A 113 -21.54 -0.99 0.09
CA LEU A 113 -22.22 -0.69 1.35
C LEU A 113 -21.48 0.42 2.08
N TYR A 114 -22.22 1.44 2.49
CA TYR A 114 -21.65 2.50 3.31
C TYR A 114 -22.40 2.50 4.64
N LEU A 115 -21.66 2.49 5.74
CA LEU A 115 -22.29 2.45 7.05
C LEU A 115 -21.93 3.67 7.88
N ILE A 116 -22.85 4.07 8.75
CA ILE A 116 -22.49 4.90 9.88
C ILE A 116 -21.74 3.99 10.86
N HIS A 117 -20.47 4.29 11.10
CA HIS A 117 -19.58 3.40 11.87
C HIS A 117 -20.06 3.27 13.30
N SER A 118 -20.60 4.37 13.84
CA SER A 118 -20.97 4.42 15.24
C SER A 118 -21.94 5.57 15.49
N PRO A 119 -22.90 5.39 16.42
CA PRO A 119 -23.82 6.50 16.68
C PRO A 119 -23.21 7.58 17.57
N MET A 120 -22.00 7.34 18.09
CA MET A 120 -21.40 8.28 19.03
C MET A 120 -20.60 9.38 18.33
N SER A 121 -21.30 10.45 17.96
CA SER A 121 -20.73 11.56 17.19
C SER A 121 -19.56 12.24 17.91
N LEU A 122 -18.58 12.67 17.14
CA LEU A 122 -17.40 13.34 17.68
C LEU A 122 -17.18 14.67 16.98
N LYS A 123 -16.37 15.54 17.59
CA LYS A 123 -16.08 16.86 17.02
C LYS A 123 -15.58 16.78 15.58
N PRO A 124 -16.23 17.52 14.67
CA PRO A 124 -15.78 17.59 13.28
C PRO A 124 -14.35 18.12 13.21
N GLY A 125 -13.53 17.53 12.35
CA GLY A 125 -12.15 17.95 12.25
C GLY A 125 -11.29 16.91 11.57
N GLU A 126 -9.97 17.09 11.65
CA GLU A 126 -9.04 16.21 10.95
C GLU A 126 -8.57 15.06 11.84
N GLU A 127 -8.67 15.25 13.15
CA GLU A 127 -8.35 14.18 14.10
C GLU A 127 -9.47 13.15 14.12
N LEU A 128 -9.09 11.87 14.14
CA LEU A 128 -10.06 10.80 14.30
C LEU A 128 -10.61 10.80 15.72
N SER A 129 -9.75 11.16 16.67
CA SER A 129 -10.16 11.26 18.07
C SER A 129 -9.82 12.65 18.60
N PRO A 130 -10.76 13.58 18.48
CA PRO A 130 -10.49 14.96 18.92
C PRO A 130 -10.48 15.03 20.44
N THR A 131 -9.46 15.68 21.00
CA THR A 131 -9.33 15.78 22.45
C THR A 131 -9.16 17.22 22.88
N ASP A 132 -9.75 17.58 24.03
CA ASP A 132 -9.60 18.93 24.56
C ASP A 132 -8.26 19.10 25.26
N GLU A 133 -8.05 20.26 25.86
CA GLU A 133 -6.76 20.56 26.49
C GLU A 133 -6.52 19.72 27.74
N ASN A 134 -7.56 19.03 28.20
CA ASN A 134 -7.44 18.09 29.31
C ASN A 134 -7.27 16.65 28.85
N GLY A 135 -7.12 16.47 27.54
CA GLY A 135 -6.92 15.16 26.97
C GLY A 135 -8.19 14.34 26.86
N LYS A 136 -9.33 14.99 27.10
CA LYS A 136 -10.62 14.31 27.02
C LYS A 136 -11.19 14.36 25.61
N VAL A 137 -11.69 13.23 25.13
CA VAL A 137 -12.28 13.15 23.80
C VAL A 137 -13.55 14.00 23.71
N ILE A 138 -13.67 14.78 22.65
CA ILE A 138 -14.74 15.75 22.49
C ILE A 138 -15.93 15.20 21.70
N PHE A 139 -17.06 15.05 22.37
CA PHE A 139 -18.27 14.58 21.72
C PHE A 139 -18.91 15.70 20.92
N ASP A 140 -19.77 15.34 19.97
CA ASP A 140 -20.53 16.32 19.21
C ASP A 140 -21.97 15.86 19.29
N ILE A 141 -22.91 16.79 19.14
CA ILE A 141 -24.32 16.45 19.18
C ILE A 141 -24.94 16.60 17.79
N VAL A 142 -25.34 15.48 17.20
CA VAL A 142 -25.90 15.47 15.86
C VAL A 142 -27.16 14.61 15.80
N ASP A 143 -28.19 15.12 15.14
CA ASP A 143 -29.38 14.33 14.89
C ASP A 143 -29.06 13.31 13.81
N LEU A 144 -28.92 12.05 14.21
CA LEU A 144 -28.49 11.01 13.28
C LEU A 144 -29.46 10.84 12.12
N CYS A 145 -30.68 11.33 12.27
CA CYS A 145 -31.63 11.28 11.16
C CYS A 145 -31.19 12.18 10.01
N THR A 146 -30.51 13.28 10.34
CA THR A 146 -29.98 14.15 9.31
C THR A 146 -28.78 13.49 8.66
N THR A 147 -27.99 12.79 9.46
CA THR A 147 -26.87 12.03 8.90
C THR A 147 -27.44 10.99 7.93
N TRP A 148 -28.48 10.30 8.35
CA TRP A 148 -29.10 9.28 7.51
C TRP A 148 -29.60 9.88 6.20
N GLU A 149 -30.25 11.03 6.28
CA GLU A 149 -30.72 11.71 5.08
C GLU A 149 -29.59 11.89 4.07
N ALA A 150 -28.42 12.28 4.55
CA ALA A 150 -27.26 12.46 3.68
C ALA A 150 -26.75 11.13 3.12
N MET A 151 -26.87 10.07 3.92
CA MET A 151 -26.51 8.73 3.46
C MET A 151 -27.43 8.34 2.31
N GLU A 152 -28.72 8.61 2.47
CA GLU A 152 -29.70 8.33 1.43
C GLU A 152 -29.31 9.03 0.13
N LYS A 153 -28.87 10.28 0.23
CA LYS A 153 -28.43 11.01 -0.96
C LYS A 153 -27.21 10.37 -1.61
N CYS A 154 -26.38 9.72 -0.80
CA CYS A 154 -25.21 9.01 -1.32
C CYS A 154 -25.62 7.77 -2.13
N LYS A 155 -26.67 7.09 -1.68
CA LYS A 155 -27.19 5.95 -2.43
C LYS A 155 -27.79 6.41 -3.76
N ASP A 156 -28.56 7.50 -3.73
CA ASP A 156 -29.11 8.06 -4.95
C ASP A 156 -28.04 8.63 -5.88
N ALA A 157 -26.97 9.13 -5.29
CA ALA A 157 -25.86 9.65 -6.08
C ALA A 157 -25.08 8.52 -6.75
N GLY A 158 -25.44 7.29 -6.42
CA GLY A 158 -24.79 6.12 -6.99
C GLY A 158 -23.47 5.76 -6.36
N LEU A 159 -23.04 6.53 -5.36
CA LEU A 159 -21.76 6.31 -4.71
C LEU A 159 -21.79 5.14 -3.71
N ALA A 160 -22.97 4.80 -3.20
CA ALA A 160 -23.15 3.62 -2.37
C ALA A 160 -24.32 2.80 -2.88
N LYS A 161 -24.08 1.53 -3.21
CA LYS A 161 -25.17 0.69 -3.68
C LYS A 161 -26.20 0.50 -2.58
N SER A 162 -25.71 0.31 -1.35
CA SER A 162 -26.56 0.15 -0.18
C SER A 162 -26.00 0.96 0.99
N ILE A 163 -26.87 1.27 1.93
CA ILE A 163 -26.49 2.00 3.12
C ILE A 163 -27.04 1.33 4.37
N GLY A 164 -26.28 1.40 5.46
CA GLY A 164 -26.73 0.83 6.71
C GLY A 164 -26.08 1.50 7.89
N VAL A 165 -26.17 0.87 9.06
CA VAL A 165 -25.56 1.42 10.26
C VAL A 165 -24.70 0.39 10.97
N SER A 166 -24.00 0.84 12.00
CA SER A 166 -23.15 -0.04 12.78
C SER A 166 -23.15 0.43 14.23
N ASN A 167 -23.20 -0.53 15.15
CA ASN A 167 -23.18 -0.25 16.59
C ASN A 167 -24.38 0.53 17.08
N PHE A 168 -25.51 0.38 16.38
CA PHE A 168 -26.78 0.92 16.82
C PHE A 168 -27.52 -0.08 17.71
N ASN A 169 -28.27 0.42 18.69
CA ASN A 169 -29.17 -0.45 19.45
C ASN A 169 -30.60 -0.35 18.90
N ARG A 170 -31.53 -1.06 19.52
CA ARG A 170 -32.90 -1.04 19.01
C ARG A 170 -33.51 0.35 18.94
N ARG A 171 -33.42 1.10 20.04
CA ARG A 171 -33.97 2.46 20.09
C ARG A 171 -33.42 3.31 18.94
N GLN A 172 -32.12 3.25 18.74
CA GLN A 172 -31.45 4.05 17.72
C GLN A 172 -31.88 3.64 16.31
N LEU A 173 -32.02 2.34 16.09
CA LEU A 173 -32.53 1.82 14.82
C LEU A 173 -33.94 2.36 14.58
N GLU A 174 -34.76 2.37 15.64
CA GLU A 174 -36.14 2.80 15.51
C GLU A 174 -36.27 4.29 15.18
N MET A 175 -35.33 5.09 15.66
CA MET A 175 -35.32 6.51 15.33
C MET A 175 -35.20 6.71 13.82
N ILE A 176 -34.42 5.86 13.16
CA ILE A 176 -34.26 5.94 11.71
C ILE A 176 -35.50 5.38 11.02
N LEU A 177 -35.97 4.23 11.51
CA LEU A 177 -37.10 3.54 10.89
C LEU A 177 -38.37 4.38 10.96
N ASN A 178 -38.47 5.20 12.00
CA ASN A 178 -39.65 6.03 12.22
C ASN A 178 -39.49 7.48 11.78
N LYS A 179 -38.38 7.78 11.12
CA LYS A 179 -38.13 9.13 10.62
C LYS A 179 -39.16 9.50 9.57
N PRO A 180 -39.81 10.66 9.73
CA PRO A 180 -40.72 11.14 8.71
C PRO A 180 -40.03 11.26 7.35
N GLY A 181 -40.65 10.73 6.31
CA GLY A 181 -40.12 10.87 4.96
C GLY A 181 -38.93 9.97 4.68
N LEU A 182 -38.77 8.92 5.48
CA LEU A 182 -37.69 7.97 5.26
C LEU A 182 -37.76 7.39 3.85
N LYS A 183 -36.65 7.41 3.14
CA LYS A 183 -36.62 6.82 1.81
C LYS A 183 -36.06 5.39 1.82
N TYR A 184 -34.96 5.18 2.54
CA TYR A 184 -34.30 3.88 2.57
C TYR A 184 -34.05 3.40 3.99
N LYS A 185 -34.60 2.24 4.34
CA LYS A 185 -34.24 1.59 5.58
C LYS A 185 -32.77 1.18 5.51
N PRO A 186 -32.08 1.18 6.66
CA PRO A 186 -30.72 0.63 6.68
C PRO A 186 -30.79 -0.83 6.28
N VAL A 187 -29.90 -1.30 5.41
CA VAL A 187 -29.96 -2.70 4.99
C VAL A 187 -29.44 -3.62 6.09
N CYS A 188 -28.65 -3.08 7.00
CA CYS A 188 -28.02 -3.89 8.03
C CYS A 188 -27.63 -3.06 9.24
N ASN A 189 -27.30 -3.77 10.32
CA ASN A 189 -26.71 -3.18 11.52
C ASN A 189 -25.52 -4.07 11.88
N GLN A 190 -24.32 -3.55 11.70
CA GLN A 190 -23.11 -4.29 12.02
C GLN A 190 -22.76 -4.04 13.48
N VAL A 191 -22.80 -5.10 14.28
CA VAL A 191 -22.65 -4.98 15.72
C VAL A 191 -21.77 -6.10 16.28
N GLU A 192 -21.26 -5.92 17.49
CA GLU A 192 -20.47 -6.97 18.11
C GLU A 192 -21.37 -8.16 18.39
N CYS A 193 -20.98 -9.32 17.90
CA CYS A 193 -21.83 -10.50 18.02
C CYS A 193 -21.02 -11.79 18.01
N HIS A 194 -21.16 -12.58 19.07
CA HIS A 194 -20.42 -13.82 19.22
C HIS A 194 -21.10 -14.64 20.33
N PRO A 195 -20.64 -15.88 20.55
CA PRO A 195 -21.36 -16.69 21.55
C PRO A 195 -21.38 -16.11 22.98
N TYR A 196 -20.50 -15.17 23.30
CA TYR A 196 -20.51 -14.57 24.64
C TYR A 196 -21.36 -13.28 24.69
N PHE A 197 -21.90 -12.89 23.55
CA PHE A 197 -22.69 -11.66 23.41
C PHE A 197 -23.47 -11.87 22.13
N ASN A 198 -24.48 -12.72 22.17
CA ASN A 198 -25.11 -13.22 20.94
C ASN A 198 -26.18 -12.31 20.35
N ARG A 199 -26.54 -11.27 21.09
CA ARG A 199 -27.44 -10.22 20.61
C ARG A 199 -28.79 -10.77 20.14
N SER A 200 -29.26 -11.85 20.75
CA SER A 200 -30.44 -12.55 20.24
C SER A 200 -31.69 -11.68 20.16
N LYS A 201 -31.86 -10.78 21.12
CA LYS A 201 -33.02 -9.89 21.12
C LYS A 201 -32.92 -8.85 20.01
N LEU A 202 -31.75 -8.27 19.84
CA LEU A 202 -31.52 -7.32 18.75
C LEU A 202 -31.67 -8.00 17.40
N LEU A 203 -31.22 -9.25 17.31
CA LEU A 203 -31.31 -10.04 16.09
C LEU A 203 -32.77 -10.25 15.72
N ASP A 204 -33.59 -10.60 16.71
CA ASP A 204 -35.01 -10.82 16.46
C ASP A 204 -35.67 -9.57 15.92
N PHE A 205 -35.40 -8.44 16.56
CA PHE A 205 -35.94 -7.16 16.11
C PHE A 205 -35.50 -6.89 14.66
N CYS A 206 -34.20 -7.00 14.39
CA CYS A 206 -33.69 -6.74 13.05
C CYS A 206 -34.42 -7.59 12.01
N LYS A 207 -34.61 -8.87 12.30
CA LYS A 207 -35.32 -9.76 11.39
C LYS A 207 -36.75 -9.27 11.10
N SER A 208 -37.44 -8.80 12.14
CA SER A 208 -38.81 -8.33 11.98
C SER A 208 -38.89 -7.10 11.08
N LYS A 209 -37.77 -6.40 10.92
CA LYS A 209 -37.72 -5.20 10.10
C LYS A 209 -36.95 -5.43 8.80
N ASP A 210 -36.66 -6.70 8.51
CA ASP A 210 -35.90 -7.07 7.31
C ASP A 210 -34.57 -6.31 7.23
N ILE A 211 -33.92 -6.18 8.38
CA ILE A 211 -32.59 -5.59 8.46
C ILE A 211 -31.61 -6.71 8.83
N VAL A 212 -30.50 -6.80 8.11
CA VAL A 212 -29.53 -7.85 8.37
C VAL A 212 -28.64 -7.51 9.55
N LEU A 213 -28.46 -8.44 10.48
CA LEU A 213 -27.46 -8.26 11.53
C LEU A 213 -26.12 -8.82 11.04
N VAL A 214 -25.09 -7.97 11.03
CA VAL A 214 -23.75 -8.38 10.61
C VAL A 214 -22.87 -8.44 11.86
N ALA A 215 -22.25 -9.59 12.08
CA ALA A 215 -21.48 -9.83 13.31
C ALA A 215 -20.01 -9.47 13.17
N TYR A 216 -19.52 -8.64 14.09
CA TYR A 216 -18.08 -8.43 14.21
C TYR A 216 -17.55 -8.93 15.55
N SER A 217 -16.23 -9.11 15.62
CA SER A 217 -15.60 -9.83 16.72
C SER A 217 -16.27 -11.19 16.90
N ALA A 218 -16.63 -11.81 15.79
CA ALA A 218 -17.28 -13.13 15.81
C ALA A 218 -16.33 -14.22 16.28
N LEU A 219 -15.03 -13.95 16.24
CA LEU A 219 -14.03 -14.89 16.70
C LEU A 219 -13.45 -14.44 18.03
N GLY A 220 -14.08 -13.46 18.67
CA GLY A 220 -13.69 -13.06 20.01
C GLY A 220 -12.85 -11.80 20.06
N SER A 221 -12.72 -11.14 18.92
CA SER A 221 -11.95 -9.89 18.78
C SER A 221 -10.45 -10.13 18.78
N GLN A 222 -9.71 -9.06 18.51
CA GLN A 222 -8.25 -9.11 18.44
C GLN A 222 -7.65 -8.83 19.81
N ARG A 223 -8.51 -8.68 20.81
CA ARG A 223 -8.11 -8.40 22.18
C ARG A 223 -7.10 -7.26 22.27
N ASP A 224 -7.37 -6.20 21.52
CA ASP A 224 -6.52 -5.01 21.50
C ASP A 224 -6.51 -4.37 22.87
N LYS A 225 -5.31 -4.07 23.39
CA LYS A 225 -5.15 -3.51 24.73
C LYS A 225 -5.92 -2.21 24.94
N ARG A 226 -6.17 -1.49 23.85
CA ARG A 226 -6.83 -0.19 23.94
C ARG A 226 -8.29 -0.28 24.42
N TRP A 227 -8.92 -1.44 24.30
CA TRP A 227 -10.33 -1.55 24.66
C TRP A 227 -10.78 -2.90 25.21
N VAL A 228 -9.88 -3.88 25.23
CA VAL A 228 -10.25 -5.18 25.78
C VAL A 228 -10.21 -5.16 27.31
N ASP A 229 -11.04 -6.00 27.93
CA ASP A 229 -10.93 -6.30 29.35
C ASP A 229 -9.93 -7.44 29.48
N PRO A 230 -8.79 -7.19 30.13
CA PRO A 230 -7.72 -8.18 30.20
C PRO A 230 -8.19 -9.47 30.85
N ASN A 231 -9.14 -9.35 31.77
CA ASN A 231 -9.65 -10.50 32.50
C ASN A 231 -10.75 -11.24 31.76
N SER A 232 -11.24 -10.67 30.66
CA SER A 232 -12.30 -11.30 29.90
C SER A 232 -11.81 -12.64 29.33
N PRO A 233 -12.69 -13.64 29.32
CA PRO A 233 -12.32 -14.96 28.78
C PRO A 233 -12.02 -14.88 27.29
N VAL A 234 -11.15 -15.77 26.83
CA VAL A 234 -10.83 -15.89 25.40
C VAL A 234 -11.88 -16.75 24.72
N LEU A 235 -12.64 -16.16 23.81
CA LEU A 235 -13.75 -16.88 23.17
C LEU A 235 -13.37 -18.26 22.66
N LEU A 236 -12.30 -18.32 21.87
CA LEU A 236 -11.95 -19.55 21.17
C LEU A 236 -11.37 -20.63 22.09
N GLU A 237 -11.26 -20.33 23.37
CA GLU A 237 -10.81 -21.31 24.35
C GLU A 237 -12.00 -21.85 25.13
N ASP A 238 -13.19 -21.47 24.72
CA ASP A 238 -14.39 -21.91 25.42
C ASP A 238 -14.54 -23.41 25.35
N PRO A 239 -14.73 -24.07 26.50
CA PRO A 239 -14.82 -25.53 26.54
C PRO A 239 -15.91 -26.09 25.65
N VAL A 240 -17.06 -25.42 25.61
CA VAL A 240 -18.18 -25.88 24.78
C VAL A 240 -17.84 -25.77 23.29
N LEU A 241 -17.26 -24.65 22.88
CA LEU A 241 -16.85 -24.47 21.50
C LEU A 241 -15.79 -25.50 21.11
N CYS A 242 -14.84 -25.74 22.00
CA CYS A 242 -13.76 -26.69 21.72
C CYS A 242 -14.27 -28.13 21.63
N ALA A 243 -15.26 -28.46 22.46
CA ALA A 243 -15.85 -29.80 22.42
C ALA A 243 -16.62 -29.99 21.12
N LEU A 244 -17.33 -28.95 20.70
CA LEU A 244 -18.05 -28.98 19.43
C LEU A 244 -17.08 -29.09 18.25
N ALA A 245 -15.92 -28.45 18.37
CA ALA A 245 -14.93 -28.52 17.30
C ALA A 245 -14.38 -29.94 17.16
N LYS A 246 -14.15 -30.60 18.29
CA LYS A 246 -13.70 -31.99 18.27
C LYS A 246 -14.78 -32.90 17.69
N LYS A 247 -16.01 -32.68 18.12
CA LYS A 247 -17.13 -33.47 17.62
C LYS A 247 -17.27 -33.41 16.11
N HIS A 248 -17.18 -32.21 15.55
CA HIS A 248 -17.34 -32.02 14.11
C HIS A 248 -16.03 -32.13 13.33
N LYS A 249 -14.94 -32.31 14.06
CA LYS A 249 -13.60 -32.33 13.44
C LYS A 249 -13.36 -31.07 12.63
N ARG A 250 -13.69 -29.93 13.22
CA ARG A 250 -13.37 -28.64 12.65
C ARG A 250 -12.50 -27.87 13.66
N THR A 251 -12.69 -26.57 13.74
CA THR A 251 -11.95 -25.74 14.69
C THR A 251 -12.94 -24.86 15.45
N PRO A 252 -12.55 -24.39 16.63
CA PRO A 252 -13.41 -23.49 17.42
C PRO A 252 -13.86 -22.28 16.61
N ALA A 253 -12.94 -21.70 15.84
CA ALA A 253 -13.26 -20.57 14.98
C ALA A 253 -14.38 -20.95 14.00
N LEU A 254 -14.24 -22.11 13.35
CA LEU A 254 -15.25 -22.54 12.39
C LEU A 254 -16.61 -22.77 13.04
N ILE A 255 -16.60 -23.30 14.26
CA ILE A 255 -17.84 -23.46 15.01
C ILE A 255 -18.49 -22.10 15.25
N ALA A 256 -17.69 -21.12 15.67
CA ALA A 256 -18.20 -19.78 15.96
C ALA A 256 -18.77 -19.07 14.72
N LEU A 257 -18.10 -19.23 13.57
CA LEU A 257 -18.60 -18.65 12.33
C LEU A 257 -19.87 -19.35 11.85
N ARG A 258 -19.89 -20.68 11.96
CA ARG A 258 -21.04 -21.46 11.50
C ARG A 258 -22.28 -21.16 12.36
N TYR A 259 -22.05 -20.97 13.66
CA TYR A 259 -23.10 -20.54 14.58
C TYR A 259 -23.88 -19.36 14.00
N GLN A 260 -23.15 -18.34 13.56
CA GLN A 260 -23.79 -17.14 13.04
C GLN A 260 -24.57 -17.42 11.76
N LEU A 261 -23.97 -18.17 10.84
CA LEU A 261 -24.62 -18.48 9.58
C LEU A 261 -25.97 -19.15 9.77
N GLN A 262 -26.03 -20.10 10.70
CA GLN A 262 -27.26 -20.86 10.93
C GLN A 262 -28.35 -20.12 11.72
N ARG A 263 -28.00 -18.98 12.31
CA ARG A 263 -29.00 -18.16 12.98
C ARG A 263 -29.40 -16.94 12.12
N GLY A 264 -28.98 -16.96 10.86
CA GLY A 264 -29.35 -15.91 9.92
C GLY A 264 -28.60 -14.62 10.12
N VAL A 265 -27.36 -14.73 10.61
CA VAL A 265 -26.50 -13.56 10.78
C VAL A 265 -25.39 -13.58 9.73
N VAL A 266 -25.12 -12.43 9.12
CA VAL A 266 -23.97 -12.30 8.22
C VAL A 266 -22.73 -12.11 9.07
N VAL A 267 -21.66 -12.86 8.78
CA VAL A 267 -20.54 -12.94 9.72
C VAL A 267 -19.21 -12.49 9.12
N LEU A 268 -18.50 -11.61 9.84
CA LEU A 268 -17.19 -11.15 9.43
C LEU A 268 -16.11 -12.01 10.09
N ALA A 269 -14.95 -12.12 9.44
CA ALA A 269 -13.81 -12.81 10.03
C ALA A 269 -12.52 -12.14 9.62
N LYS A 270 -11.81 -11.56 10.57
CA LYS A 270 -10.52 -10.94 10.29
C LYS A 270 -9.39 -11.93 10.54
N SER A 271 -8.53 -12.10 9.55
CA SER A 271 -7.29 -12.84 9.73
C SER A 271 -6.26 -12.30 8.77
N TYR A 272 -5.05 -12.07 9.26
CA TYR A 272 -3.92 -11.67 8.41
C TYR A 272 -2.97 -12.84 8.22
N ASN A 273 -3.50 -14.05 8.37
CA ASN A 273 -2.72 -15.28 8.23
C ASN A 273 -3.28 -16.15 7.12
N GLU A 274 -2.45 -16.46 6.13
CA GLU A 274 -2.94 -17.18 4.95
C GLU A 274 -3.73 -18.43 5.29
N GLN A 275 -3.18 -19.28 6.15
CA GLN A 275 -3.82 -20.55 6.43
C GLN A 275 -5.13 -20.41 7.19
N ARG A 276 -5.22 -19.42 8.07
CA ARG A 276 -6.46 -19.22 8.79
C ARG A 276 -7.51 -18.60 7.87
N ILE A 277 -7.05 -17.73 6.97
CA ILE A 277 -7.92 -17.15 5.95
C ILE A 277 -8.58 -18.23 5.12
N ARG A 278 -7.78 -19.19 4.68
CA ARG A 278 -8.26 -20.31 3.87
C ARG A 278 -9.09 -21.30 4.70
N GLN A 279 -8.76 -21.44 5.98
CA GLN A 279 -9.56 -22.27 6.86
C GLN A 279 -10.95 -21.67 7.02
N ASN A 280 -11.02 -20.35 7.15
CA ASN A 280 -12.29 -19.69 7.45
C ASN A 280 -13.37 -19.87 6.38
N VAL A 281 -12.96 -20.05 5.13
CA VAL A 281 -13.95 -20.26 4.06
C VAL A 281 -14.57 -21.66 4.15
N GLN A 282 -13.99 -22.52 4.97
CA GLN A 282 -14.53 -23.88 5.15
C GLN A 282 -15.84 -23.89 5.93
N VAL A 283 -16.26 -22.71 6.38
CA VAL A 283 -17.50 -22.57 7.13
C VAL A 283 -18.70 -23.11 6.36
N PHE A 284 -18.60 -23.16 5.02
CA PHE A 284 -19.71 -23.65 4.20
C PHE A 284 -19.71 -25.17 4.02
N GLU A 285 -18.75 -25.84 4.64
CA GLU A 285 -18.55 -27.27 4.41
C GLU A 285 -19.28 -28.21 5.38
N PHE A 286 -19.84 -27.66 6.45
CA PHE A 286 -20.48 -28.50 7.46
C PHE A 286 -21.65 -27.82 8.16
N GLN A 287 -22.42 -28.59 8.92
CA GLN A 287 -23.56 -28.04 9.64
C GLN A 287 -23.50 -28.37 11.12
N LEU A 288 -24.00 -27.45 11.94
CA LEU A 288 -24.22 -27.71 13.35
C LEU A 288 -25.64 -28.22 13.51
N THR A 289 -25.86 -29.13 14.46
CA THR A 289 -27.20 -29.63 14.72
C THR A 289 -28.00 -28.59 15.48
N ALA A 290 -29.32 -28.75 15.50
CA ALA A 290 -30.17 -27.85 16.25
C ALA A 290 -29.79 -27.84 17.74
N GLU A 291 -29.44 -29.02 18.25
CA GLU A 291 -29.01 -29.14 19.64
C GLU A 291 -27.69 -28.41 19.86
N ASP A 292 -26.81 -28.49 18.87
CA ASP A 292 -25.54 -27.76 18.88
C ASP A 292 -25.83 -26.26 19.05
N MET A 293 -26.77 -25.77 18.27
CA MET A 293 -27.07 -24.34 18.25
C MET A 293 -27.60 -23.88 19.61
N LYS A 294 -28.50 -24.66 20.21
CA LYS A 294 -29.03 -24.28 21.52
C LYS A 294 -27.94 -24.30 22.58
N ALA A 295 -27.01 -25.25 22.46
CA ALA A 295 -25.88 -25.30 23.38
C ALA A 295 -25.03 -24.03 23.33
N ILE A 296 -24.74 -23.56 22.11
CA ILE A 296 -23.96 -22.33 21.93
C ILE A 296 -24.76 -21.13 22.43
N ASP A 297 -26.07 -21.15 22.21
CA ASP A 297 -26.96 -20.10 22.66
C ASP A 297 -26.82 -19.87 24.17
N GLY A 298 -26.51 -20.95 24.88
CA GLY A 298 -26.38 -20.89 26.33
C GLY A 298 -25.11 -20.22 26.83
N LEU A 299 -24.21 -19.91 25.91
CA LEU A 299 -22.93 -19.33 26.31
C LEU A 299 -23.00 -17.82 26.57
N ASP A 300 -24.11 -17.20 26.19
CA ASP A 300 -24.24 -15.74 26.27
C ASP A 300 -23.90 -15.23 27.68
N ARG A 301 -23.00 -14.26 27.77
CA ARG A 301 -22.68 -13.66 29.07
C ARG A 301 -22.61 -12.13 29.05
N ASN A 302 -23.30 -11.55 28.08
CA ASN A 302 -23.36 -10.10 27.92
C ASN A 302 -21.97 -9.47 27.95
N LEU A 303 -21.02 -10.11 27.28
CA LEU A 303 -19.63 -9.68 27.31
C LEU A 303 -19.27 -8.94 26.04
N HIS A 304 -18.99 -7.64 26.12
CA HIS A 304 -18.39 -6.98 24.97
C HIS A 304 -16.88 -6.87 25.11
N TYR A 305 -16.18 -7.22 24.03
CA TYR A 305 -14.73 -7.12 23.97
C TYR A 305 -14.28 -5.68 23.71
N PHE A 306 -15.20 -4.84 23.29
CA PHE A 306 -14.90 -3.42 23.12
C PHE A 306 -15.45 -2.65 24.31
N ASN A 307 -14.56 -2.08 25.12
CA ASN A 307 -14.97 -1.32 26.30
C ASN A 307 -14.36 0.08 26.30
N SER A 308 -15.09 1.04 26.83
CA SER A 308 -14.62 2.41 26.94
C SER A 308 -15.37 3.12 28.03
N ASP A 309 -14.68 3.40 29.13
CA ASP A 309 -15.29 4.10 30.24
C ASP A 309 -15.75 5.49 29.82
N SER A 310 -14.94 6.17 29.01
CA SER A 310 -15.25 7.52 28.60
C SER A 310 -16.49 7.57 27.71
N PHE A 311 -16.56 6.66 26.74
CA PHE A 311 -17.69 6.63 25.80
C PHE A 311 -18.97 6.11 26.43
N ALA A 312 -18.83 5.40 27.54
CA ALA A 312 -20.00 4.90 28.26
C ALA A 312 -20.90 6.07 28.68
N SER A 313 -20.32 7.27 28.71
CA SER A 313 -21.06 8.46 29.10
C SER A 313 -21.58 9.24 27.89
N HIS A 314 -21.29 8.76 26.69
CA HIS A 314 -21.78 9.41 25.49
C HIS A 314 -23.29 9.23 25.43
N PRO A 315 -24.03 10.31 25.16
CA PRO A 315 -25.49 10.25 25.05
C PRO A 315 -25.97 9.17 24.09
N ASN A 316 -25.17 8.85 23.08
CA ASN A 316 -25.53 7.79 22.14
C ASN A 316 -24.81 6.47 22.35
N TYR A 317 -24.20 6.29 23.51
CA TYR A 317 -23.63 4.99 23.87
C TYR A 317 -24.68 3.91 23.70
N PRO A 318 -24.38 2.88 22.89
CA PRO A 318 -25.39 1.89 22.51
C PRO A 318 -25.73 0.87 23.59
N TYR A 319 -24.86 0.68 24.58
CA TYR A 319 -25.03 -0.42 25.53
C TYR A 319 -25.72 -0.01 26.84
N SER A 320 -26.26 1.19 26.88
CA SER A 320 -26.92 1.70 28.09
C SER A 320 -28.41 1.37 28.12
N GLN B 6 10.58 -11.29 -14.93
CA GLN B 6 11.24 -10.52 -15.97
C GLN B 6 10.90 -9.03 -15.89
N CYS B 7 9.61 -8.71 -15.86
CA CYS B 7 9.15 -7.32 -15.69
C CYS B 7 8.14 -7.19 -14.56
N VAL B 8 8.05 -5.99 -14.01
CA VAL B 8 7.00 -5.69 -13.04
C VAL B 8 6.06 -4.64 -13.62
N LYS B 9 4.78 -4.74 -13.28
CA LYS B 9 3.77 -3.82 -13.78
C LYS B 9 3.74 -2.54 -12.95
N LEU B 10 3.92 -1.41 -13.61
CA LEU B 10 3.94 -0.12 -12.94
C LEU B 10 2.50 0.35 -12.68
N ASN B 11 2.35 1.30 -11.76
CA ASN B 11 1.01 1.76 -11.38
C ASN B 11 0.31 2.56 -12.48
N ASP B 12 1.03 2.86 -13.56
CA ASP B 12 0.43 3.53 -14.71
C ASP B 12 0.20 2.56 -15.86
N GLY B 13 0.45 1.27 -15.62
CA GLY B 13 0.18 0.25 -16.60
C GLY B 13 1.36 -0.17 -17.48
N HIS B 14 2.41 0.65 -17.50
CA HIS B 14 3.61 0.29 -18.27
C HIS B 14 4.39 -0.79 -17.53
N PHE B 15 5.32 -1.42 -18.22
CA PHE B 15 6.11 -2.50 -17.62
C PHE B 15 7.60 -2.16 -17.55
N MET B 16 8.22 -2.53 -16.43
CA MET B 16 9.63 -2.23 -16.19
C MET B 16 10.40 -3.53 -15.96
N PRO B 17 11.44 -3.78 -16.76
CA PRO B 17 12.31 -4.94 -16.52
C PRO B 17 12.98 -4.85 -15.16
N VAL B 18 13.02 -5.95 -14.42
CA VAL B 18 13.47 -5.93 -13.03
C VAL B 18 14.98 -5.86 -12.87
N LEU B 19 15.72 -6.15 -13.94
CA LEU B 19 17.16 -5.92 -13.94
C LEU B 19 17.50 -4.76 -14.87
N GLY B 20 18.25 -3.78 -14.36
CA GLY B 20 18.66 -2.63 -15.16
C GLY B 20 20.16 -2.39 -15.15
N PHE B 21 20.66 -1.80 -16.24
CA PHE B 21 22.08 -1.53 -16.37
C PHE B 21 22.41 -0.12 -15.93
N GLY B 22 23.35 0.02 -14.99
CA GLY B 22 23.76 1.32 -14.51
C GLY B 22 24.83 1.89 -15.42
N THR B 23 24.67 3.15 -15.83
CA THR B 23 25.59 3.74 -16.82
C THR B 23 26.53 4.81 -16.28
N TYR B 24 26.37 5.22 -15.03
CA TYR B 24 27.26 6.28 -14.55
C TYR B 24 28.69 5.81 -14.39
N ALA B 25 29.62 6.58 -14.96
CA ALA B 25 31.05 6.36 -14.78
C ALA B 25 31.72 7.71 -14.51
N PRO B 26 32.75 7.71 -13.65
CA PRO B 26 33.48 8.91 -13.28
C PRO B 26 34.13 9.57 -14.50
N PRO B 27 34.43 10.87 -14.41
CA PRO B 27 35.05 11.62 -15.51
C PRO B 27 36.30 10.96 -16.09
N GLU B 28 37.09 10.28 -15.25
CA GLU B 28 38.32 9.65 -15.71
C GLU B 28 38.06 8.66 -16.84
N VAL B 29 36.86 8.10 -16.86
CA VAL B 29 36.48 7.14 -17.89
C VAL B 29 36.11 7.87 -19.18
N PRO B 30 36.77 7.54 -20.29
CA PRO B 30 36.49 8.21 -21.56
C PRO B 30 35.02 8.05 -21.95
N ARG B 31 34.42 9.13 -22.45
CA ARG B 31 33.00 9.14 -22.80
C ARG B 31 32.63 8.01 -23.76
N SER B 32 33.56 7.64 -24.63
CA SER B 32 33.29 6.60 -25.61
C SER B 32 32.95 5.26 -24.96
N LYS B 33 33.42 5.05 -23.74
CA LYS B 33 33.17 3.80 -23.02
C LYS B 33 31.69 3.51 -22.81
N ALA B 34 30.90 4.52 -22.46
CA ALA B 34 29.47 4.32 -22.24
C ALA B 34 28.81 3.69 -23.45
N LEU B 35 29.19 4.13 -24.64
CA LEU B 35 28.66 3.56 -25.87
C LEU B 35 29.02 2.08 -25.96
N GLU B 36 30.30 1.79 -25.80
CA GLU B 36 30.80 0.42 -25.89
C GLU B 36 30.12 -0.53 -24.90
N VAL B 37 30.04 -0.12 -23.65
CA VAL B 37 29.54 -1.03 -22.62
C VAL B 37 28.02 -1.13 -22.64
N THR B 38 27.32 -0.09 -23.08
CA THR B 38 25.87 -0.19 -23.16
C THR B 38 25.50 -1.17 -24.27
N LYS B 39 26.24 -1.13 -25.38
CA LYS B 39 26.04 -2.13 -26.42
C LYS B 39 26.25 -3.53 -25.87
N LEU B 40 27.34 -3.73 -25.12
CA LEU B 40 27.64 -5.04 -24.54
C LEU B 40 26.53 -5.49 -23.59
N ALA B 41 25.99 -4.55 -22.83
CA ALA B 41 24.92 -4.87 -21.88
C ALA B 41 23.67 -5.36 -22.60
N ILE B 42 23.28 -4.65 -23.65
CA ILE B 42 22.12 -5.05 -24.43
C ILE B 42 22.37 -6.42 -25.08
N GLU B 43 23.59 -6.61 -25.58
CA GLU B 43 23.96 -7.89 -26.17
C GLU B 43 23.85 -9.02 -25.16
N ALA B 44 24.18 -8.72 -23.90
CA ALA B 44 24.14 -9.73 -22.85
C ALA B 44 22.72 -10.03 -22.37
N GLY B 45 21.80 -9.10 -22.64
CA GLY B 45 20.41 -9.31 -22.31
C GLY B 45 19.74 -8.24 -21.45
N PHE B 46 20.49 -7.20 -21.08
CA PHE B 46 19.89 -6.06 -20.38
C PHE B 46 18.92 -5.36 -21.31
N ARG B 47 17.73 -5.00 -20.81
CA ARG B 47 16.77 -4.24 -21.61
C ARG B 47 16.39 -2.94 -20.93
N HIS B 48 16.69 -2.87 -19.63
CA HIS B 48 16.43 -1.70 -18.82
C HIS B 48 17.75 -0.97 -18.66
N ILE B 49 17.78 0.30 -19.06
CA ILE B 49 19.02 1.08 -19.08
C ILE B 49 18.83 2.40 -18.33
N ASP B 50 19.71 2.66 -17.37
CA ASP B 50 19.55 3.80 -16.47
C ASP B 50 20.60 4.89 -16.70
N SER B 51 20.14 6.05 -17.16
CA SER B 51 21.03 7.18 -17.41
C SER B 51 20.48 8.42 -16.70
N ALA B 52 21.06 9.58 -16.98
CA ALA B 52 20.61 10.83 -16.41
C ALA B 52 21.34 12.01 -17.05
N HIS B 53 20.69 13.17 -17.06
CA HIS B 53 21.35 14.38 -17.51
C HIS B 53 22.69 14.53 -16.79
N LEU B 54 22.68 14.30 -15.48
CA LEU B 54 23.87 14.41 -14.65
C LEU B 54 25.04 13.55 -15.14
N TYR B 55 24.75 12.43 -15.81
CA TYR B 55 25.81 11.47 -16.15
C TYR B 55 26.66 11.89 -17.36
N ASN B 56 26.24 12.95 -18.04
CA ASN B 56 26.95 13.41 -19.23
C ASN B 56 27.30 12.25 -20.17
N ASN B 57 26.35 11.34 -20.36
CA ASN B 57 26.59 10.21 -21.24
C ASN B 57 25.38 9.88 -22.10
N GLU B 58 24.39 10.77 -22.12
CA GLU B 58 23.14 10.47 -22.83
C GLU B 58 23.32 10.30 -24.33
N GLU B 59 24.23 11.05 -24.95
CA GLU B 59 24.51 10.87 -26.36
CA GLU B 59 24.50 10.85 -26.37
C GLU B 59 25.02 9.45 -26.62
N GLN B 60 26.00 9.04 -25.81
CA GLN B 60 26.60 7.71 -25.97
C GLN B 60 25.63 6.57 -25.66
N VAL B 61 24.86 6.71 -24.59
CA VAL B 61 23.90 5.67 -24.24
C VAL B 61 22.84 5.60 -25.33
N GLY B 62 22.41 6.77 -25.80
CA GLY B 62 21.47 6.83 -26.90
C GLY B 62 22.01 6.19 -28.16
N LEU B 63 23.30 6.41 -28.44
CA LEU B 63 23.97 5.82 -29.59
C LEU B 63 23.95 4.30 -29.50
N ALA B 64 24.14 3.80 -28.28
CA ALA B 64 24.15 2.36 -28.06
C ALA B 64 22.80 1.73 -28.34
N ILE B 65 21.74 2.38 -27.89
CA ILE B 65 20.38 1.91 -28.17
C ILE B 65 20.10 1.98 -29.66
N ARG B 66 20.48 3.08 -30.29
CA ARG B 66 20.30 3.26 -31.72
C ARG B 66 21.02 2.15 -32.47
N SER B 67 22.20 1.79 -31.98
CA SER B 67 23.03 0.78 -32.63
C SER B 67 22.38 -0.59 -32.64
N LYS B 68 21.86 -1.01 -31.49
CA LYS B 68 21.30 -2.35 -31.37
C LYS B 68 19.96 -2.46 -32.08
N ILE B 69 19.32 -1.32 -32.28
CA ILE B 69 18.11 -1.28 -33.09
C ILE B 69 18.48 -1.38 -34.57
N ALA B 70 19.48 -0.61 -34.97
CA ALA B 70 19.92 -0.60 -36.37
C ALA B 70 20.39 -1.97 -36.85
N ASP B 71 21.10 -2.69 -35.98
CA ASP B 71 21.63 -4.00 -36.37
C ASP B 71 20.59 -5.11 -36.25
N GLY B 72 19.37 -4.73 -35.86
CA GLY B 72 18.26 -5.66 -35.83
C GLY B 72 18.11 -6.48 -34.55
N SER B 73 19.01 -6.25 -33.59
CA SER B 73 18.97 -6.99 -32.32
C SER B 73 17.69 -6.76 -31.53
N VAL B 74 17.24 -5.50 -31.49
CA VAL B 74 16.06 -5.14 -30.69
C VAL B 74 15.23 -4.05 -31.35
N LYS B 75 13.97 -3.94 -30.92
CA LYS B 75 13.11 -2.82 -31.32
C LYS B 75 13.12 -1.77 -30.21
N ARG B 76 12.79 -0.54 -30.54
CA ARG B 76 12.74 0.51 -29.52
C ARG B 76 11.80 0.13 -28.38
N GLU B 77 10.71 -0.53 -28.72
CA GLU B 77 9.72 -0.93 -27.72
C GLU B 77 10.23 -2.03 -26.79
N ASP B 78 11.36 -2.64 -27.14
CA ASP B 78 11.97 -3.69 -26.32
C ASP B 78 12.89 -3.12 -25.25
N ILE B 79 13.22 -1.84 -25.37
CA ILE B 79 14.16 -1.19 -24.47
C ILE B 79 13.42 -0.30 -23.49
N PHE B 80 13.78 -0.39 -22.22
CA PHE B 80 13.26 0.51 -21.20
C PHE B 80 14.36 1.51 -20.84
N TYR B 81 14.22 2.74 -21.31
CA TYR B 81 15.24 3.76 -21.08
C TYR B 81 14.82 4.81 -20.06
N THR B 82 15.67 5.03 -19.07
CA THR B 82 15.41 6.01 -18.03
C THR B 82 16.39 7.19 -18.09
N SER B 83 15.87 8.41 -17.99
CA SER B 83 16.71 9.55 -17.66
C SER B 83 16.18 10.27 -16.43
N LYS B 84 16.88 11.31 -15.99
CA LYS B 84 16.56 11.99 -14.74
C LYS B 84 16.73 13.48 -14.87
N LEU B 85 15.76 14.21 -14.32
CA LEU B 85 15.79 15.67 -14.23
C LEU B 85 16.82 16.05 -13.18
N TRP B 86 17.85 16.80 -13.58
CA TRP B 86 18.84 17.22 -12.60
C TRP B 86 18.31 18.35 -11.71
N SER B 87 18.91 18.48 -10.52
CA SER B 87 18.38 19.31 -9.45
C SER B 87 18.39 20.82 -9.75
N THR B 88 19.11 21.22 -10.78
CA THR B 88 19.14 22.62 -11.19
C THR B 88 17.98 22.91 -12.13
N PHE B 89 17.15 21.91 -12.39
CA PHE B 89 16.04 22.07 -13.32
C PHE B 89 14.70 21.76 -12.66
N HIS B 90 14.63 21.95 -11.34
CA HIS B 90 13.42 21.70 -10.58
C HIS B 90 12.29 22.68 -10.89
N ARG B 91 12.61 23.94 -11.11
CA ARG B 91 11.56 24.92 -11.39
C ARG B 91 10.75 24.46 -12.61
N PRO B 92 9.42 24.52 -12.50
CA PRO B 92 8.47 23.90 -13.43
C PRO B 92 8.72 24.22 -14.91
N GLU B 93 9.00 25.48 -15.23
CA GLU B 93 9.17 25.88 -16.62
C GLU B 93 10.46 25.34 -17.24
N LEU B 94 11.37 24.84 -16.41
CA LEU B 94 12.62 24.26 -16.89
C LEU B 94 12.50 22.76 -17.14
N VAL B 95 11.46 22.16 -16.55
CA VAL B 95 11.31 20.70 -16.60
C VAL B 95 11.15 20.16 -18.01
N ARG B 96 10.16 20.63 -18.75
CA ARG B 96 9.93 20.08 -20.08
C ARG B 96 11.13 20.27 -21.01
N PRO B 97 11.71 21.48 -21.04
CA PRO B 97 12.89 21.70 -21.88
C PRO B 97 14.05 20.79 -21.51
N ALA B 98 14.23 20.49 -20.22
CA ALA B 98 15.30 19.60 -19.79
C ALA B 98 15.08 18.20 -20.35
N LEU B 99 13.84 17.73 -20.29
CA LEU B 99 13.50 16.43 -20.88
C LEU B 99 13.75 16.47 -22.38
N GLU B 100 13.29 17.53 -23.03
CA GLU B 100 13.48 17.66 -24.48
C GLU B 100 14.96 17.65 -24.86
N ASN B 101 15.80 18.26 -24.03
CA ASN B 101 17.23 18.24 -24.31
C ASN B 101 17.83 16.85 -24.12
N SER B 102 17.37 16.15 -23.08
CA SER B 102 17.79 14.77 -22.85
C SER B 102 17.42 13.90 -24.04
N LEU B 103 16.22 14.11 -24.57
CA LEU B 103 15.75 13.34 -25.71
C LEU B 103 16.57 13.66 -26.95
N LYS B 104 16.99 14.92 -27.08
CA LYS B 104 17.82 15.37 -28.19
C LYS B 104 19.19 14.71 -28.13
N LYS B 105 19.84 14.81 -26.98
CA LYS B 105 21.14 14.18 -26.79
C LYS B 105 21.09 12.70 -27.14
N ALA B 106 20.06 12.01 -26.65
CA ALA B 106 19.96 10.56 -26.82
C ALA B 106 19.38 10.18 -28.18
N GLN B 107 18.81 11.15 -28.87
CA GLN B 107 18.16 10.89 -30.15
C GLN B 107 17.07 9.85 -30.02
N LEU B 108 16.20 10.05 -29.03
CA LEU B 108 15.03 9.21 -28.86
C LEU B 108 13.80 10.12 -28.84
N ASP B 109 12.65 9.57 -29.22
CA ASP B 109 11.41 10.35 -29.24
C ASP B 109 10.78 10.43 -27.86
N TYR B 110 11.05 9.43 -27.02
CA TYR B 110 10.52 9.40 -25.67
C TYR B 110 11.46 8.66 -24.73
N VAL B 111 11.35 8.95 -23.44
CA VAL B 111 11.95 8.07 -22.44
C VAL B 111 10.86 7.21 -21.83
N ASP B 112 11.20 5.98 -21.49
CA ASP B 112 10.24 5.10 -20.83
C ASP B 112 9.97 5.59 -19.42
N LEU B 113 10.97 6.23 -18.84
CA LEU B 113 10.88 6.68 -17.46
C LEU B 113 11.67 7.95 -17.26
N TYR B 114 11.03 8.94 -16.63
CA TYR B 114 11.72 10.17 -16.28
C TYR B 114 11.60 10.43 -14.78
N LEU B 115 12.74 10.60 -14.12
CA LEU B 115 12.75 10.75 -12.66
C LEU B 115 13.26 12.11 -12.21
N ILE B 116 12.70 12.60 -11.11
CA ILE B 116 13.36 13.66 -10.38
C ILE B 116 14.55 12.99 -9.73
N HIS B 117 15.76 13.42 -10.11
CA HIS B 117 16.97 12.74 -9.69
C HIS B 117 17.16 12.80 -8.17
N SER B 118 16.79 13.93 -7.58
CA SER B 118 16.99 14.18 -6.17
C SER B 118 16.03 15.28 -5.72
N PRO B 119 15.56 15.19 -4.47
CA PRO B 119 14.65 16.21 -3.91
C PRO B 119 15.41 17.48 -3.54
N MET B 120 16.74 17.41 -3.53
CA MET B 120 17.57 18.53 -3.09
C MET B 120 17.83 19.55 -4.22
N SER B 121 16.91 20.50 -4.36
CA SER B 121 16.96 21.50 -5.43
C SER B 121 18.23 22.34 -5.41
N LEU B 122 18.66 22.78 -6.59
CA LEU B 122 19.86 23.58 -6.71
C LEU B 122 19.64 24.81 -7.58
N LYS B 123 20.48 25.82 -7.39
CA LYS B 123 20.38 27.07 -8.16
C LYS B 123 20.40 26.80 -9.67
N PRO B 124 19.39 27.32 -10.38
CA PRO B 124 19.31 27.15 -11.83
C PRO B 124 20.52 27.74 -12.54
N GLY B 125 20.83 27.25 -13.73
CA GLY B 125 21.99 27.67 -14.47
C GLY B 125 22.57 26.53 -15.27
N GLU B 126 23.77 26.70 -15.81
CA GLU B 126 24.39 25.68 -16.64
C GLU B 126 25.38 24.82 -15.87
N GLU B 127 25.68 25.21 -14.64
CA GLU B 127 26.53 24.40 -13.78
C GLU B 127 25.72 23.25 -13.21
N LEU B 128 26.33 22.07 -13.14
CA LEU B 128 25.68 20.93 -12.47
C LEU B 128 25.71 21.15 -10.98
N SER B 129 26.84 21.67 -10.49
CA SER B 129 27.02 21.97 -9.07
C SER B 129 27.34 23.45 -8.89
N PRO B 130 26.31 24.30 -8.85
CA PRO B 130 26.54 25.74 -8.75
C PRO B 130 27.06 26.13 -7.36
N THR B 131 28.14 26.89 -7.33
CA THR B 131 28.76 27.31 -6.07
C THR B 131 29.03 28.81 -6.05
N ASP B 132 29.00 29.39 -4.86
CA ASP B 132 29.26 30.82 -4.69
C ASP B 132 30.76 31.12 -4.72
N GLU B 133 31.13 32.36 -4.41
CA GLU B 133 32.53 32.77 -4.42
C GLU B 133 33.38 31.96 -3.44
N ASN B 134 32.74 31.49 -2.37
CA ASN B 134 33.45 30.72 -1.34
C ASN B 134 33.68 29.26 -1.73
N GLY B 135 32.88 28.77 -2.68
CA GLY B 135 32.96 27.39 -3.09
C GLY B 135 31.86 26.56 -2.48
N LYS B 136 30.94 27.23 -1.78
CA LYS B 136 29.78 26.57 -1.20
C LYS B 136 28.69 26.36 -2.23
N VAL B 137 28.03 25.21 -2.17
CA VAL B 137 26.98 24.89 -3.13
C VAL B 137 25.72 25.72 -2.84
N ILE B 138 25.05 26.14 -3.90
CA ILE B 138 23.90 27.03 -3.76
C ILE B 138 22.58 26.27 -3.91
N PHE B 139 21.84 26.16 -2.81
CA PHE B 139 20.55 25.48 -2.83
C PHE B 139 19.47 26.38 -3.43
N ASP B 140 18.35 25.76 -3.82
CA ASP B 140 17.21 26.49 -4.36
C ASP B 140 15.94 26.05 -3.63
N ILE B 141 15.00 26.96 -3.46
CA ILE B 141 13.73 26.62 -2.82
C ILE B 141 12.66 26.38 -3.86
N VAL B 142 12.28 25.12 -4.05
CA VAL B 142 11.26 24.79 -5.02
C VAL B 142 10.18 23.90 -4.40
N ASP B 143 8.93 24.19 -4.72
CA ASP B 143 7.82 23.36 -4.30
C ASP B 143 7.80 22.12 -5.19
N LEU B 144 8.36 21.02 -4.69
CA LEU B 144 8.50 19.81 -5.49
C LEU B 144 7.17 19.34 -6.09
N CYS B 145 6.06 19.87 -5.56
CA CYS B 145 4.74 19.56 -6.11
C CYS B 145 4.50 20.27 -7.44
N THR B 146 5.10 21.44 -7.61
CA THR B 146 5.03 22.14 -8.90
C THR B 146 5.93 21.43 -9.90
N THR B 147 7.10 21.01 -9.45
CA THR B 147 7.97 20.17 -10.27
C THR B 147 7.21 18.96 -10.77
N TRP B 148 6.48 18.29 -9.88
CA TRP B 148 5.76 17.08 -10.25
C TRP B 148 4.67 17.34 -11.28
N GLU B 149 3.94 18.43 -11.15
CA GLU B 149 2.91 18.76 -12.13
CA GLU B 149 2.91 18.78 -12.12
C GLU B 149 3.52 18.92 -13.52
N ALA B 150 4.69 19.53 -13.59
CA ALA B 150 5.38 19.70 -14.87
C ALA B 150 5.80 18.33 -15.42
N MET B 151 6.19 17.44 -14.52
CA MET B 151 6.50 16.07 -14.89
C MET B 151 5.27 15.39 -15.47
N GLU B 152 4.14 15.60 -14.81
CA GLU B 152 2.88 15.03 -15.27
C GLU B 152 2.56 15.49 -16.68
N LYS B 153 2.84 16.76 -16.95
CA LYS B 153 2.59 17.31 -18.28
C LYS B 153 3.43 16.61 -19.33
N CYS B 154 4.68 16.28 -18.98
CA CYS B 154 5.55 15.56 -19.91
C CYS B 154 4.97 14.21 -20.28
N LYS B 155 4.40 13.53 -19.30
CA LYS B 155 3.76 12.24 -19.54
C LYS B 155 2.56 12.43 -20.46
N ASP B 156 1.77 13.48 -20.21
CA ASP B 156 0.61 13.79 -21.03
C ASP B 156 1.01 14.15 -22.45
N ALA B 157 2.20 14.74 -22.60
CA ALA B 157 2.71 15.12 -23.91
C ALA B 157 3.32 13.91 -24.62
N GLY B 158 3.50 12.82 -23.89
CA GLY B 158 4.03 11.59 -24.46
C GLY B 158 5.54 11.57 -24.54
N LEU B 159 6.19 12.55 -23.93
CA LEU B 159 7.64 12.60 -23.95
C LEU B 159 8.24 11.57 -23.00
N ALA B 160 7.46 11.17 -22.00
CA ALA B 160 7.88 10.18 -21.01
C ALA B 160 6.71 9.25 -20.72
N LYS B 161 6.92 7.96 -20.99
CA LYS B 161 5.88 6.96 -20.80
C LYS B 161 5.47 6.90 -19.34
N SER B 162 6.46 6.91 -18.45
CA SER B 162 6.21 6.88 -17.02
C SER B 162 7.06 7.91 -16.32
N ILE B 163 6.60 8.36 -15.15
CA ILE B 163 7.33 9.32 -14.35
C ILE B 163 7.47 8.85 -12.92
N GLY B 164 8.61 9.17 -12.31
CA GLY B 164 8.88 8.75 -10.95
C GLY B 164 9.85 9.70 -10.27
N VAL B 165 10.32 9.31 -9.10
CA VAL B 165 11.28 10.10 -8.34
C VAL B 165 12.45 9.25 -7.89
N SER B 166 13.42 9.91 -7.27
CA SER B 166 14.62 9.22 -6.82
C SER B 166 15.18 9.94 -5.61
N ASN B 167 15.66 9.15 -4.65
CA ASN B 167 16.24 9.69 -3.43
C ASN B 167 15.23 10.41 -2.53
N PHE B 168 13.96 10.05 -2.66
CA PHE B 168 12.91 10.56 -1.79
C PHE B 168 12.74 9.69 -0.55
N ASN B 169 12.46 10.33 0.59
CA ASN B 169 12.04 9.59 1.76
C ASN B 169 10.53 9.54 1.84
N ARG B 170 10.00 8.83 2.84
CA ARG B 170 8.56 8.66 2.99
C ARG B 170 7.80 9.98 3.02
N ARG B 171 8.30 10.91 3.84
CA ARG B 171 7.68 12.22 3.97
C ARG B 171 7.54 12.92 2.62
N GLN B 172 8.60 12.87 1.83
CA GLN B 172 8.63 13.53 0.53
C GLN B 172 7.72 12.82 -0.48
N LEU B 173 7.68 11.49 -0.41
CA LEU B 173 6.72 10.74 -1.22
C LEU B 173 5.31 11.21 -0.88
N GLU B 174 5.03 11.27 0.42
CA GLU B 174 3.71 11.66 0.93
C GLU B 174 3.26 12.99 0.35
N MET B 175 4.17 13.97 0.37
CA MET B 175 3.91 15.28 -0.21
C MET B 175 3.31 15.15 -1.60
N ILE B 176 3.92 14.31 -2.44
CA ILE B 176 3.43 14.12 -3.80
C ILE B 176 2.11 13.35 -3.78
N LEU B 177 2.10 12.26 -3.03
CA LEU B 177 0.93 11.38 -2.95
C LEU B 177 -0.32 12.13 -2.50
N ASN B 178 -0.14 13.06 -1.59
CA ASN B 178 -1.26 13.80 -1.01
C ASN B 178 -1.55 15.12 -1.71
N LYS B 179 -0.85 15.37 -2.81
CA LYS B 179 -1.04 16.60 -3.58
C LYS B 179 -2.46 16.71 -4.10
N PRO B 180 -3.06 17.90 -3.96
CA PRO B 180 -4.39 18.18 -4.51
C PRO B 180 -4.37 18.13 -6.02
N GLY B 181 -5.30 17.41 -6.62
CA GLY B 181 -5.38 17.31 -8.07
C GLY B 181 -4.26 16.46 -8.64
N LEU B 182 -3.55 15.76 -7.76
CA LEU B 182 -2.56 14.79 -8.20
C LEU B 182 -3.13 14.00 -9.36
N LYS B 183 -2.42 13.99 -10.49
CA LYS B 183 -2.89 13.25 -11.64
C LYS B 183 -2.19 11.89 -11.75
N TYR B 184 -0.87 11.89 -11.56
CA TYR B 184 -0.09 10.66 -11.65
C TYR B 184 0.77 10.42 -10.41
N LYS B 185 0.60 9.27 -9.77
CA LYS B 185 1.52 8.86 -8.73
C LYS B 185 2.86 8.53 -9.37
N PRO B 186 3.96 8.78 -8.64
CA PRO B 186 5.26 8.29 -9.12
C PRO B 186 5.20 6.79 -9.24
N VAL B 187 5.72 6.23 -10.33
CA VAL B 187 5.71 4.78 -10.52
C VAL B 187 6.78 4.13 -9.65
N CYS B 188 7.76 4.91 -9.24
CA CYS B 188 8.90 4.34 -8.53
C CYS B 188 9.65 5.35 -7.69
N ASN B 189 10.45 4.84 -6.78
CA ASN B 189 11.40 5.64 -6.03
C ASN B 189 12.76 4.96 -6.09
N GLN B 190 13.65 5.51 -6.91
CA GLN B 190 14.99 4.94 -7.03
C GLN B 190 15.88 5.45 -5.90
N VAL B 191 16.37 4.53 -5.08
CA VAL B 191 17.10 4.89 -3.86
C VAL B 191 18.27 3.94 -3.61
N GLU B 192 19.18 4.35 -2.75
CA GLU B 192 20.28 3.48 -2.38
C GLU B 192 19.72 2.28 -1.62
N CYS B 193 20.07 1.09 -2.05
CA CYS B 193 19.49 -0.11 -1.47
C CYS B 193 20.40 -1.33 -1.68
N HIS B 194 20.84 -1.92 -0.57
CA HIS B 194 21.76 -3.04 -0.60
C HIS B 194 21.72 -3.71 0.78
N PRO B 195 22.37 -4.87 0.93
CA PRO B 195 22.21 -5.58 2.22
C PRO B 195 22.66 -4.79 3.45
N TYR B 196 23.43 -3.72 3.27
CA TYR B 196 23.88 -2.93 4.42
C TYR B 196 22.93 -1.77 4.70
N PHE B 197 21.97 -1.58 3.80
CA PHE B 197 21.01 -0.50 3.86
C PHE B 197 19.81 -0.95 3.06
N ASN B 198 19.06 -1.93 3.58
CA ASN B 198 18.05 -2.60 2.76
C ASN B 198 16.73 -1.88 2.63
N ARG B 199 16.56 -0.77 3.35
CA ARG B 199 15.39 0.09 3.22
C ARG B 199 14.07 -0.66 3.47
N SER B 200 14.10 -1.59 4.43
CA SER B 200 12.93 -2.40 4.77
C SER B 200 11.66 -1.57 4.89
N LYS B 201 11.72 -0.54 5.73
CA LYS B 201 10.55 0.28 5.99
C LYS B 201 10.07 1.04 4.78
N LEU B 202 10.99 1.70 4.07
CA LEU B 202 10.63 2.44 2.88
C LEU B 202 10.06 1.51 1.80
N LEU B 203 10.66 0.33 1.68
CA LEU B 203 10.18 -0.68 0.75
C LEU B 203 8.73 -1.03 1.09
N ASP B 204 8.49 -1.29 2.37
CA ASP B 204 7.15 -1.59 2.83
C ASP B 204 6.19 -0.46 2.46
N PHE B 205 6.62 0.78 2.72
CA PHE B 205 5.80 1.94 2.40
C PHE B 205 5.48 2.03 0.91
N CYS B 206 6.51 1.91 0.07
CA CYS B 206 6.30 1.97 -1.36
C CYS B 206 5.30 0.90 -1.79
N LYS B 207 5.50 -0.33 -1.33
CA LYS B 207 4.59 -1.41 -1.68
C LYS B 207 3.16 -1.06 -1.31
N SER B 208 2.99 -0.45 -0.14
CA SER B 208 1.65 -0.08 0.32
C SER B 208 1.02 0.98 -0.58
N LYS B 209 1.86 1.73 -1.30
CA LYS B 209 1.38 2.82 -2.15
C LYS B 209 1.39 2.48 -3.64
N ASP B 210 1.72 1.24 -3.98
CA ASP B 210 1.80 0.81 -5.38
C ASP B 210 2.96 1.49 -6.10
N ILE B 211 4.02 1.78 -5.34
CA ILE B 211 5.24 2.37 -5.89
C ILE B 211 6.39 1.37 -5.88
N VAL B 212 7.12 1.28 -6.98
CA VAL B 212 8.22 0.33 -7.06
C VAL B 212 9.49 0.93 -6.47
N LEU B 213 10.17 0.17 -5.61
CA LEU B 213 11.47 0.60 -5.13
C LEU B 213 12.57 0.10 -6.08
N VAL B 214 13.40 1.02 -6.56
CA VAL B 214 14.50 0.66 -7.43
C VAL B 214 15.83 0.88 -6.72
N ALA B 215 16.62 -0.19 -6.64
CA ALA B 215 17.88 -0.15 -5.90
C ALA B 215 19.08 0.30 -6.74
N TYR B 216 19.76 1.34 -6.28
CA TYR B 216 21.08 1.66 -6.82
C TYR B 216 22.15 1.39 -5.78
N SER B 217 23.41 1.28 -6.23
CA SER B 217 24.49 0.85 -5.36
C SER B 217 24.18 -0.51 -4.73
N ALA B 218 23.48 -1.35 -5.49
CA ALA B 218 23.12 -2.68 -5.00
C ALA B 218 24.34 -3.59 -4.86
N LEU B 219 25.45 -3.19 -5.46
CA LEU B 219 26.70 -3.96 -5.36
C LEU B 219 27.70 -3.28 -4.43
N GLY B 220 27.24 -2.27 -3.69
CA GLY B 220 28.08 -1.58 -2.74
C GLY B 220 28.61 -0.24 -3.22
N SER B 221 28.13 0.19 -4.39
CA SER B 221 28.53 1.45 -5.02
C SER B 221 29.93 1.37 -5.62
N GLN B 222 30.28 2.38 -6.41
CA GLN B 222 31.58 2.43 -7.05
C GLN B 222 32.63 2.98 -6.09
N ARG B 223 32.21 3.20 -4.85
CA ARG B 223 33.10 3.72 -3.81
C ARG B 223 33.90 4.91 -4.32
N ASP B 224 33.22 5.87 -4.94
CA ASP B 224 33.88 7.05 -5.47
C ASP B 224 34.46 7.90 -4.35
N LYS B 225 35.73 8.27 -4.50
CA LYS B 225 36.44 9.06 -3.50
C LYS B 225 35.70 10.34 -3.12
N ARG B 226 34.77 10.77 -3.96
CA ARG B 226 34.09 12.05 -3.77
C ARG B 226 32.96 12.03 -2.74
N TRP B 227 32.52 10.84 -2.34
CA TRP B 227 31.43 10.76 -1.36
C TRP B 227 31.40 9.47 -0.57
N VAL B 228 32.27 8.52 -0.89
CA VAL B 228 32.30 7.26 -0.18
C VAL B 228 33.43 7.19 0.85
N ASP B 229 33.04 6.99 2.11
CA ASP B 229 34.00 6.80 3.20
C ASP B 229 34.88 5.60 2.91
N PRO B 230 36.19 5.82 2.75
CA PRO B 230 37.14 4.74 2.45
C PRO B 230 37.21 3.71 3.58
N ASN B 231 36.79 4.10 4.77
CA ASN B 231 36.80 3.21 5.93
C ASN B 231 35.59 2.29 5.96
N SER B 232 34.63 2.56 5.09
CA SER B 232 33.38 1.80 5.07
C SER B 232 33.63 0.36 4.64
N PRO B 233 32.75 -0.56 5.11
CA PRO B 233 32.84 -1.98 4.74
C PRO B 233 32.60 -2.18 3.25
N VAL B 234 33.38 -3.06 2.63
CA VAL B 234 33.18 -3.36 1.22
C VAL B 234 32.10 -4.42 1.09
N LEU B 235 30.93 -4.02 0.59
CA LEU B 235 29.78 -4.90 0.54
C LEU B 235 30.11 -6.29 0.01
N LEU B 236 30.83 -6.35 -1.11
CA LEU B 236 31.05 -7.62 -1.80
C LEU B 236 32.07 -8.53 -1.11
N GLU B 237 32.61 -8.06 0.02
CA GLU B 237 33.54 -8.87 0.79
C GLU B 237 32.89 -9.37 2.07
N ASP B 238 31.58 -9.14 2.18
CA ASP B 238 30.85 -9.58 3.36
C ASP B 238 30.94 -11.09 3.51
N PRO B 239 31.21 -11.56 4.74
CA PRO B 239 31.40 -12.99 5.01
C PRO B 239 30.17 -13.81 4.65
N VAL B 240 28.98 -13.28 4.97
CA VAL B 240 27.75 -13.98 4.66
C VAL B 240 27.53 -14.07 3.15
N LEU B 241 27.66 -12.94 2.46
CA LEU B 241 27.50 -12.93 1.01
C LEU B 241 28.47 -13.90 0.35
N CYS B 242 29.70 -13.96 0.84
CA CYS B 242 30.71 -14.81 0.24
C CYS B 242 30.43 -16.29 0.48
N ALA B 243 29.92 -16.61 1.66
CA ALA B 243 29.55 -17.99 1.96
C ALA B 243 28.39 -18.42 1.06
N LEU B 244 27.40 -17.54 0.91
CA LEU B 244 26.26 -17.81 0.04
C LEU B 244 26.69 -17.98 -1.42
N ALA B 245 27.65 -17.17 -1.84
CA ALA B 245 28.18 -17.25 -3.18
C ALA B 245 28.79 -18.64 -3.38
N LYS B 246 29.56 -19.09 -2.40
CA LYS B 246 30.19 -20.41 -2.44
C LYS B 246 29.15 -21.52 -2.51
N LYS B 247 28.11 -21.41 -1.69
CA LYS B 247 27.07 -22.42 -1.65
C LYS B 247 26.40 -22.57 -3.02
N HIS B 248 26.00 -21.45 -3.60
CA HIS B 248 25.23 -21.48 -4.84
C HIS B 248 26.08 -21.57 -6.10
N LYS B 249 27.40 -21.58 -5.94
CA LYS B 249 28.30 -21.62 -7.08
C LYS B 249 28.17 -20.35 -7.91
N ARG B 250 28.02 -19.21 -7.23
CA ARG B 250 27.92 -17.92 -7.91
C ARG B 250 28.93 -16.94 -7.33
N THR B 251 28.62 -15.65 -7.44
CA THR B 251 29.50 -14.62 -6.93
C THR B 251 28.75 -13.77 -5.94
N PRO B 252 29.47 -13.10 -5.02
CA PRO B 252 28.84 -12.19 -4.08
C PRO B 252 27.91 -11.20 -4.80
N ALA B 253 28.39 -10.64 -5.91
CA ALA B 253 27.59 -9.70 -6.68
C ALA B 253 26.24 -10.30 -7.07
N LEU B 254 26.26 -11.51 -7.61
CA LEU B 254 25.04 -12.19 -8.01
C LEU B 254 24.09 -12.44 -6.84
N ILE B 255 24.65 -12.72 -5.66
CA ILE B 255 23.82 -12.92 -4.47
C ILE B 255 23.10 -11.62 -4.14
N ALA B 256 23.85 -10.51 -4.21
CA ALA B 256 23.31 -9.20 -3.88
C ALA B 256 22.17 -8.80 -4.84
N LEU B 257 22.34 -9.10 -6.12
CA LEU B 257 21.31 -8.78 -7.10
C LEU B 257 20.08 -9.66 -6.89
N ARG B 258 20.31 -10.96 -6.68
CA ARG B 258 19.21 -11.89 -6.50
C ARG B 258 18.38 -11.54 -5.27
N TYR B 259 19.08 -11.13 -4.20
CA TYR B 259 18.41 -10.71 -2.97
C TYR B 259 17.32 -9.69 -3.27
N GLN B 260 17.66 -8.66 -4.05
CA GLN B 260 16.70 -7.62 -4.39
C GLN B 260 15.53 -8.17 -5.20
N LEU B 261 15.82 -9.00 -6.19
CA LEU B 261 14.76 -9.56 -7.03
C LEU B 261 13.74 -10.34 -6.20
N GLN B 262 14.21 -11.11 -5.23
CA GLN B 262 13.32 -11.97 -4.44
C GLN B 262 12.55 -11.22 -3.36
N ARG B 263 12.96 -9.99 -3.06
CA ARG B 263 12.23 -9.15 -2.12
C ARG B 263 11.37 -8.11 -2.84
N GLY B 264 11.24 -8.24 -4.14
CA GLY B 264 10.33 -7.41 -4.92
C GLY B 264 10.89 -6.03 -5.22
N VAL B 265 12.21 -5.92 -5.22
CA VAL B 265 12.89 -4.68 -5.57
C VAL B 265 13.49 -4.78 -6.97
N VAL B 266 13.30 -3.74 -7.79
CA VAL B 266 13.95 -3.70 -9.11
C VAL B 266 15.37 -3.23 -8.90
N VAL B 267 16.33 -3.92 -9.51
CA VAL B 267 17.73 -3.70 -9.14
C VAL B 267 18.59 -3.25 -10.31
N LEU B 268 19.41 -2.22 -10.08
CA LEU B 268 20.37 -1.76 -11.06
C LEU B 268 21.73 -2.40 -10.80
N ALA B 269 22.53 -2.51 -11.86
CA ALA B 269 23.89 -2.99 -11.74
C ALA B 269 24.77 -2.28 -12.74
N LYS B 270 25.72 -1.49 -12.24
CA LYS B 270 26.68 -0.83 -13.12
C LYS B 270 27.92 -1.69 -13.29
N SER B 271 28.33 -1.88 -14.53
CA SER B 271 29.62 -2.46 -14.83
C SER B 271 30.12 -1.98 -16.19
N TYR B 272 31.36 -1.53 -16.22
CA TYR B 272 31.99 -1.17 -17.48
C TYR B 272 32.99 -2.24 -17.86
N ASN B 273 32.77 -3.45 -17.34
CA ASN B 273 33.64 -4.58 -17.63
C ASN B 273 32.88 -5.70 -18.33
N GLU B 274 33.29 -6.02 -19.56
CA GLU B 274 32.56 -7.00 -20.36
C GLU B 274 32.26 -8.30 -19.63
N GLN B 275 33.23 -8.80 -18.86
CA GLN B 275 33.06 -10.07 -18.17
C GLN B 275 31.98 -9.96 -17.10
N ARG B 276 32.04 -8.89 -16.32
CA ARG B 276 31.11 -8.70 -15.23
C ARG B 276 29.71 -8.35 -15.74
N ILE B 277 29.64 -7.62 -16.85
CA ILE B 277 28.37 -7.37 -17.53
C ILE B 277 27.72 -8.70 -17.90
N ARG B 278 28.52 -9.62 -18.45
CA ARG B 278 28.01 -10.91 -18.90
C ARG B 278 27.61 -11.78 -17.72
N GLN B 279 28.34 -11.63 -16.62
CA GLN B 279 28.06 -12.38 -15.41
C GLN B 279 26.74 -11.93 -14.76
N ASN B 280 26.48 -10.62 -14.78
CA ASN B 280 25.36 -10.08 -14.02
C ASN B 280 23.99 -10.52 -14.51
N VAL B 281 23.87 -10.88 -15.78
CA VAL B 281 22.58 -11.31 -16.29
C VAL B 281 22.24 -12.72 -15.82
N GLN B 282 23.20 -13.37 -15.20
CA GLN B 282 22.98 -14.73 -14.70
C GLN B 282 22.20 -14.73 -13.39
N VAL B 283 21.79 -13.54 -12.96
CA VAL B 283 20.99 -13.40 -11.76
C VAL B 283 19.66 -14.14 -11.92
N PHE B 284 19.24 -14.35 -13.16
CA PHE B 284 17.99 -15.06 -13.43
C PHE B 284 18.13 -16.58 -13.43
N GLU B 285 19.36 -17.08 -13.25
CA GLU B 285 19.64 -18.51 -13.41
C GLU B 285 19.66 -19.31 -12.11
N PHE B 286 19.32 -18.67 -11.00
CA PHE B 286 19.30 -19.39 -9.72
C PHE B 286 18.39 -18.68 -8.72
N GLN B 287 18.12 -19.35 -7.60
CA GLN B 287 17.29 -18.74 -6.56
C GLN B 287 17.86 -18.94 -5.16
N LEU B 288 17.63 -17.96 -4.30
CA LEU B 288 18.04 -18.03 -2.90
C LEU B 288 16.93 -18.66 -2.09
N THR B 289 17.29 -19.39 -1.04
CA THR B 289 16.29 -19.98 -0.14
C THR B 289 15.74 -18.91 0.81
N ALA B 290 14.59 -19.20 1.40
CA ALA B 290 13.98 -18.29 2.37
C ALA B 290 14.96 -18.00 3.50
N GLU B 291 15.70 -19.04 3.90
CA GLU B 291 16.71 -18.91 4.94
C GLU B 291 17.86 -18.04 4.46
N ASP B 292 18.24 -18.18 3.18
CA ASP B 292 19.26 -17.33 2.60
C ASP B 292 18.85 -15.88 2.69
N MET B 293 17.59 -15.61 2.33
CA MET B 293 17.07 -14.24 2.36
C MET B 293 17.13 -13.70 3.78
N LYS B 294 16.73 -14.51 4.75
CA LYS B 294 16.78 -14.08 6.15
C LYS B 294 18.21 -13.75 6.55
N ALA B 295 19.17 -14.55 6.10
CA ALA B 295 20.57 -14.30 6.42
C ALA B 295 21.01 -12.95 5.86
N ILE B 296 20.66 -12.70 4.59
CA ILE B 296 21.00 -11.42 3.98
C ILE B 296 20.29 -10.26 4.68
N ASP B 297 19.02 -10.44 5.02
CA ASP B 297 18.27 -9.44 5.79
C ASP B 297 19.02 -9.00 7.04
N GLY B 298 19.74 -9.93 7.65
CA GLY B 298 20.41 -9.67 8.90
C GLY B 298 21.67 -8.84 8.80
N LEU B 299 22.02 -8.45 7.59
CA LEU B 299 23.22 -7.66 7.37
C LEU B 299 22.91 -6.16 7.48
N ASP B 300 21.62 -5.82 7.50
CA ASP B 300 21.20 -4.42 7.48
C ASP B 300 21.86 -3.65 8.61
N ARG B 301 22.49 -2.53 8.27
CA ARG B 301 23.23 -1.77 9.26
C ARG B 301 23.20 -0.26 8.99
N ASN B 302 22.14 0.19 8.31
CA ASN B 302 21.92 1.61 8.09
C ASN B 302 23.15 2.31 7.49
N LEU B 303 23.83 1.63 6.58
CA LEU B 303 25.02 2.19 5.98
C LEU B 303 24.76 2.69 4.57
N HIS B 304 24.84 4.01 4.36
CA HIS B 304 24.80 4.53 3.00
C HIS B 304 26.17 5.01 2.54
N TYR B 305 26.58 4.51 1.37
CA TYR B 305 27.89 4.81 0.81
C TYR B 305 27.98 6.25 0.27
N PHE B 306 26.83 6.86 0.00
CA PHE B 306 26.82 8.25 -0.44
C PHE B 306 26.71 9.20 0.75
N ASN B 307 27.78 9.96 0.98
CA ASN B 307 27.82 10.90 2.09
C ASN B 307 28.19 12.31 1.67
N SER B 308 27.37 13.27 2.07
CA SER B 308 27.66 14.68 1.83
C SER B 308 27.48 15.51 3.11
N ASP B 309 28.61 15.83 3.74
CA ASP B 309 28.61 16.67 4.93
C ASP B 309 27.87 17.98 4.65
N SER B 310 28.04 18.50 3.44
CA SER B 310 27.43 19.77 3.06
C SER B 310 25.94 19.65 2.77
N PHE B 311 25.56 18.62 2.01
CA PHE B 311 24.17 18.43 1.64
C PHE B 311 23.30 17.95 2.80
N ALA B 312 23.94 17.59 3.91
CA ALA B 312 23.21 17.21 5.11
C ALA B 312 22.36 18.37 5.64
N SER B 313 22.66 19.57 5.18
CA SER B 313 21.95 20.76 5.66
C SER B 313 20.81 21.18 4.73
N HIS B 314 20.76 20.59 3.55
CA HIS B 314 19.68 20.91 2.60
C HIS B 314 18.33 20.62 3.24
N PRO B 315 17.38 21.55 3.11
CA PRO B 315 16.05 21.37 3.72
C PRO B 315 15.43 20.05 3.28
N ASN B 316 15.74 19.62 2.06
CA ASN B 316 15.16 18.41 1.50
C ASN B 316 16.08 17.20 1.56
N TYR B 317 17.07 17.25 2.44
CA TYR B 317 17.94 16.10 2.68
C TYR B 317 17.07 14.91 3.10
N PRO B 318 17.14 13.81 2.35
CA PRO B 318 16.23 12.69 2.57
C PRO B 318 16.57 11.82 3.79
N TYR B 319 17.80 11.88 4.26
CA TYR B 319 18.25 10.98 5.33
C TYR B 319 18.11 11.56 6.73
N SER B 320 17.17 12.50 6.90
CA SER B 320 16.94 13.12 8.21
C SER B 320 15.88 12.38 9.01
N ASP B 321 15.05 11.60 8.33
CA ASP B 321 13.94 10.89 8.97
C ASP B 321 14.26 9.43 9.19
N GLU B 322 13.43 8.74 9.97
CA GLU B 322 13.45 7.29 9.97
C GLU B 322 12.72 6.85 8.70
N TYR B 323 13.50 6.51 7.68
CA TYR B 323 12.98 6.20 6.35
C TYR B 323 11.98 7.23 5.81
PA NAP C . -12.24 -11.20 14.72
O1A NAP C . -13.07 -11.46 15.93
O2A NAP C . -13.06 -11.50 13.37
O5B NAP C . -10.99 -12.20 14.68
C5B NAP C . -10.18 -11.99 15.85
C4B NAP C . -8.87 -12.80 15.69
O4B NAP C . -9.19 -14.13 15.29
C3B NAP C . -7.99 -12.24 14.56
O3B NAP C . -7.05 -11.31 15.09
C2B NAP C . -7.29 -13.50 13.96
O2B NAP C . -5.89 -13.51 14.26
C1B NAP C . -8.00 -14.68 14.68
N9A NAP C . -8.45 -15.73 13.77
C8A NAP C . -9.03 -15.55 12.55
N7A NAP C . -9.33 -16.72 12.04
C5A NAP C . -8.96 -17.70 12.90
C6A NAP C . -9.03 -19.10 12.90
N6A NAP C . -9.58 -19.77 11.82
N1A NAP C . -8.56 -19.76 13.95
C2A NAP C . -8.04 -19.13 14.98
N3A NAP C . -7.95 -17.81 15.03
C4A NAP C . -8.40 -17.07 14.03
O3 NAP C . -11.56 -9.74 14.72
PN NAP C . -12.42 -8.36 14.75
O1N NAP C . -11.42 -7.33 14.18
O2N NAP C . -12.76 -7.93 16.18
O5D NAP C . -13.76 -8.40 13.85
C5D NAP C . -13.41 -8.64 12.49
C4D NAP C . -13.73 -7.43 11.59
O4D NAP C . -15.03 -6.85 11.90
C3D NAP C . -12.73 -6.28 11.81
O3D NAP C . -11.51 -6.53 11.13
C2D NAP C . -13.53 -5.14 11.16
O2D NAP C . -13.45 -5.24 9.73
C1D NAP C . -14.96 -5.42 11.65
N1N NAP C . -15.24 -4.69 12.90
C2N NAP C . -16.06 -3.66 12.90
C3N NAP C . -16.33 -2.96 14.07
C7N NAP C . -17.27 -1.82 14.07
O7N NAP C . -17.24 -1.00 14.98
N7N NAP C . -18.15 -1.67 13.06
C4N NAP C . -15.69 -3.35 15.26
C5N NAP C . -14.84 -4.43 15.21
C6N NAP C . -14.64 -5.08 14.01
P2B NAP C . -4.96 -13.63 12.94
O1X NAP C . -4.97 -12.37 12.17
O2X NAP C . -3.49 -13.94 13.50
O3X NAP C . -5.49 -14.86 12.05
CL1 511 D . -20.15 -0.12 20.47
N01 511 D . -14.22 1.37 17.15
C02 511 D . -14.30 0.08 16.60
O01 511 D . -12.74 -2.80 13.42
C03 511 D . -13.09 -0.30 16.10
O02 511 D . -14.11 -1.03 13.51
C04 511 D . -10.83 0.93 16.00
O03 511 D . -8.81 2.32 16.00
C05 511 D . -10.14 2.09 16.32
O04 511 D . -15.21 3.29 17.78
C06 511 D . -10.88 3.11 16.98
C07 511 D . -12.21 3.00 17.31
C08 511 D . -12.19 0.79 16.32
C09 511 D . -12.89 1.81 16.97
C10 511 D . -12.74 -1.60 15.45
C11 511 D . -13.25 -1.71 14.02
C12 511 D . -8.23 3.53 16.41
C13 511 D . -15.28 2.07 17.74
C14 511 D . -16.49 1.48 18.36
C15 511 D . -17.68 2.22 18.38
C16 511 D . -18.81 1.73 19.01
C17 511 D . -18.76 0.47 19.64
C18 511 D . -17.59 -0.27 19.64
C19 511 D . -16.45 0.24 19.00
CL1 511 E . -16.46 0.59 23.19
N01 511 E . -11.79 4.91 20.45
C02 511 E . -10.89 4.33 21.36
O01 511 E . -7.07 4.87 23.68
C03 511 E . -9.60 4.61 21.01
O02 511 E . -8.62 6.23 22.82
C04 511 E . -8.64 5.98 19.03
O03 511 E . -8.04 7.31 17.06
C05 511 E . -8.96 6.73 17.91
O04 511 E . -13.82 5.77 20.00
C06 511 E . -10.34 6.89 17.60
C07 511 E . -11.36 6.34 18.36
C08 511 E . -9.66 5.41 19.83
C09 511 E . -11.01 5.59 19.50
C10 511 E . -8.36 4.15 21.72
C11 511 E . -7.95 5.07 22.86
C12 511 E . -6.66 7.10 17.31
C13 511 E . -13.18 4.86 20.53
C14 511 E . -13.96 3.78 21.21
C15 511 E . -13.44 2.48 21.36
C16 511 E . -14.22 1.50 21.96
C17 511 E . -15.51 1.81 22.43
C18 511 E . -16.02 3.10 22.28
C19 511 E . -15.25 4.07 21.67
PA NAP F . 26.91 -0.58 -8.40
O1A NAP F . 26.55 -0.64 -6.97
O2A NAP F . 25.71 -1.14 -9.31
O5B NAP F . 28.16 -1.52 -8.70
C5B NAP F . 29.32 -0.92 -8.14
C4B NAP F . 30.54 -1.61 -8.72
O4B NAP F . 30.30 -3.02 -8.78
C3B NAP F . 30.78 -1.17 -10.18
O3B NAP F . 31.71 -0.10 -10.19
C2B NAP F . 31.34 -2.44 -10.88
O2B NAP F . 32.74 -2.25 -11.15
C1B NAP F . 31.18 -3.55 -9.81
N9A NAP F . 30.60 -4.78 -10.35
C8A NAP F . 29.54 -4.91 -11.21
N7A NAP F . 29.29 -6.17 -11.42
C5A NAP F . 30.17 -6.93 -10.72
C6A NAP F . 30.37 -8.31 -10.56
N6A NAP F . 29.56 -9.23 -11.22
N1A NAP F . 31.35 -8.72 -9.76
C2A NAP F . 32.12 -7.86 -9.12
N3A NAP F . 31.96 -6.55 -9.23
C4A NAP F . 31.01 -6.05 -10.01
O3 NAP F . 27.33 0.91 -8.90
PN NAP F . 26.40 2.25 -8.66
O1N NAP F . 26.94 3.25 -9.69
O2N NAP F . 26.64 2.86 -7.26
O5D NAP F . 24.84 2.04 -8.91
C5D NAP F . 24.66 1.58 -10.25
C4D NAP F . 23.80 2.55 -11.05
O4D NAP F . 22.65 3.02 -10.31
C3D NAP F . 24.57 3.84 -11.39
O3D NAP F . 25.45 3.58 -12.49
C2D NAP F . 23.39 4.73 -11.79
O2D NAP F . 22.88 4.34 -13.07
C1D NAP F . 22.36 4.38 -10.70
N1N NAP F . 22.51 5.30 -9.56
C2N NAP F . 21.62 6.26 -9.36
C3N NAP F . 21.76 7.15 -8.28
C7N NAP F . 20.74 8.18 -8.02
O7N NAP F . 20.98 9.13 -7.30
N7N NAP F . 19.49 8.01 -8.51
C4N NAP F . 22.86 7.01 -7.43
C5N NAP F . 23.77 6.00 -7.69
C6N NAP F . 23.56 5.16 -8.76
P2B NAP F . 33.09 -2.48 -12.72
O1X NAP F . 32.54 -1.39 -13.56
O2X NAP F . 34.69 -2.44 -12.84
O3X NAP F . 32.55 -3.89 -13.25
CL1 511 G . 20.63 10.64 -1.17
N01 511 G . 24.24 12.09 -6.88
C02 511 G . 24.15 10.72 -7.15
O01 511 G . 23.31 9.05 -9.95
C03 511 G . 25.10 10.34 -8.06
O02 511 G . 24.82 7.48 -10.37
C04 511 G . 26.94 11.70 -9.24
O03 511 G . 28.57 13.21 -10.25
C05 511 G . 27.51 12.96 -9.41
O04 511 G . 23.27 14.02 -6.23
C06 511 G . 26.95 14.02 -8.65
C07 511 G . 25.88 13.87 -7.79
C08 511 G . 25.85 11.52 -8.37
C09 511 G . 25.31 12.59 -7.65
C10 511 G . 25.34 8.96 -8.60
C11 511 G . 24.40 8.58 -9.72
C12 511 G . 28.89 14.54 -10.60
C13 511 G . 23.43 12.82 -6.01
C14 511 G . 22.72 12.25 -4.82
C15 511 G . 21.50 12.79 -4.41
C16 511 G . 20.85 12.29 -3.29
C17 511 G . 21.44 11.24 -2.57
C18 511 G . 22.67 10.70 -2.96
C19 511 G . 23.31 11.21 -4.09
CL1 511 H . 24.95 12.16 -0.62
N01 511 H . 27.28 16.42 -5.56
C02 511 H . 28.56 16.02 -5.12
O01 511 H . 30.96 18.12 -5.12
C03 511 H . 29.48 16.23 -6.11
O02 511 H . 32.91 17.05 -5.12
C04 511 H . 29.26 17.22 -8.48
O03 511 H . 28.72 18.19 -10.67
C05 511 H . 28.38 17.75 -9.41
O04 511 H . 25.25 17.19 -4.99
C06 511 H . 27.00 17.86 -9.03
C07 511 H . 26.52 17.46 -7.80
C08 511 H . 28.78 16.81 -7.22
C09 511 H . 27.44 16.91 -6.86
C10 511 H . 30.94 15.94 -6.05
C11 511 H . 31.73 17.04 -5.37
C12 511 H . 30.09 18.14 -11.05
C13 511 H . 26.11 16.34 -4.80
C14 511 H . 25.84 15.29 -3.77
C15 511 H . 26.67 14.16 -3.63
C16 511 H . 26.40 13.19 -2.67
C17 511 H . 25.29 13.35 -1.83
C18 511 H . 24.46 14.47 -1.95
C19 511 H . 24.74 15.44 -2.93
#